data_4BZV
# 
_entry.id   4BZV 
# 
_audit_conform.dict_name       mmcif_pdbx.dic 
_audit_conform.dict_version    5.392 
_audit_conform.dict_location   http://mmcif.pdb.org/dictionaries/ascii/mmcif_pdbx.dic 
# 
loop_
_database_2.database_id 
_database_2.database_code 
_database_2.pdbx_database_accession 
_database_2.pdbx_DOI 
PDB   4BZV         pdb_00004bzv 10.2210/pdb4bzv/pdb 
PDBE  EBI-57848    ?            ?                   
WWPDB D_1290057848 ?            ?                   
# 
loop_
_pdbx_audit_revision_history.ordinal 
_pdbx_audit_revision_history.data_content_type 
_pdbx_audit_revision_history.major_revision 
_pdbx_audit_revision_history.minor_revision 
_pdbx_audit_revision_history.revision_date 
1 'Structure model' 1 0 2013-08-21 
2 'Structure model' 1 1 2013-09-04 
3 'Structure model' 1 2 2014-09-03 
4 'Structure model' 1 3 2024-05-15 
# 
_pdbx_audit_revision_details.ordinal             1 
_pdbx_audit_revision_details.revision_ordinal    1 
_pdbx_audit_revision_details.data_content_type   'Structure model' 
_pdbx_audit_revision_details.provider            repository 
_pdbx_audit_revision_details.type                'Initial release' 
_pdbx_audit_revision_details.description         ? 
_pdbx_audit_revision_details.details             ? 
# 
loop_
_pdbx_audit_revision_group.ordinal 
_pdbx_audit_revision_group.revision_ordinal 
_pdbx_audit_revision_group.data_content_type 
_pdbx_audit_revision_group.group 
1 2 'Structure model' 'Structure summary'    
2 3 'Structure model' 'Database references'  
3 4 'Structure model' 'Data collection'      
4 4 'Structure model' 'Database references'  
5 4 'Structure model' 'Derived calculations' 
6 4 'Structure model' Other                  
# 
loop_
_pdbx_audit_revision_category.ordinal 
_pdbx_audit_revision_category.revision_ordinal 
_pdbx_audit_revision_category.data_content_type 
_pdbx_audit_revision_category.category 
1 4 'Structure model' chem_comp_atom        
2 4 'Structure model' chem_comp_bond        
3 4 'Structure model' database_2            
4 4 'Structure model' pdbx_database_status  
5 4 'Structure model' pdbx_nmr_software     
6 4 'Structure model' pdbx_nmr_spectrometer 
7 4 'Structure model' struct_site           
# 
loop_
_pdbx_audit_revision_item.ordinal 
_pdbx_audit_revision_item.revision_ordinal 
_pdbx_audit_revision_item.data_content_type 
_pdbx_audit_revision_item.item 
1 4 'Structure model' '_database_2.pdbx_DOI'                 
2 4 'Structure model' '_database_2.pdbx_database_accession'  
3 4 'Structure model' '_pdbx_database_status.status_code_cs' 
4 4 'Structure model' '_pdbx_database_status.status_code_mr' 
5 4 'Structure model' '_pdbx_nmr_software.name'              
6 4 'Structure model' '_pdbx_nmr_spectrometer.model'         
7 4 'Structure model' '_struct_site.pdbx_auth_asym_id'       
8 4 'Structure model' '_struct_site.pdbx_auth_comp_id'       
9 4 'Structure model' '_struct_site.pdbx_auth_seq_id'        
# 
_pdbx_database_status.status_code                     REL 
_pdbx_database_status.entry_id                        4BZV 
_pdbx_database_status.deposit_site                    PDBE 
_pdbx_database_status.process_site                    PDBE 
_pdbx_database_status.SG_entry                        . 
_pdbx_database_status.recvd_initial_deposition_date   2013-07-30 
_pdbx_database_status.pdb_format_compatible           Y 
_pdbx_database_status.status_code_sf                  ? 
_pdbx_database_status.status_code_mr                  REL 
_pdbx_database_status.status_code_cs                  REL 
_pdbx_database_status.methods_development_category    ? 
_pdbx_database_status.status_code_nmr_data            ? 
# 
loop_
_pdbx_database_related.db_name 
_pdbx_database_related.db_id 
_pdbx_database_related.content_type 
_pdbx_database_related.details 
PDB 4BZT unspecified 'SOLUTION STRUCTURE OF MLN 944-DNA COMPLEXES'            
PDB 4BZU unspecified 'SOLUTION STRUCTURE OF THE MLN 944-D(TATGCATA)2 COMPLEX' 
# 
loop_
_audit_author.name 
_audit_author.pdbx_ordinal 
'Serobian, A.'    1 
'Thomas, D.S.'    2 
'Ball, G.E.'      3 
'Denny, W.A.'     4 
'Wakelin, L.P.G.' 5 
# 
_citation.id                        primary 
_citation.title                     
'The Solution Structure of Bis(Phenazine-1-Carboxamide)-DNA Complexes: Mln 944 Binding Corrected and Extended.' 
_citation.journal_abbrev            Biopolymers 
_citation.journal_volume            101 
_citation.page_first                1099 
_citation.page_last                 ? 
_citation.year                      2014 
_citation.journal_id_ASTM           BIPMAA 
_citation.country                   US 
_citation.journal_id_ISSN           0006-3525 
_citation.journal_id_CSD            0161 
_citation.book_publisher            ? 
_citation.pdbx_database_id_PubMed   24898663 
_citation.pdbx_database_id_DOI      10.1002/BIP.22513 
# 
loop_
_citation_author.citation_id 
_citation_author.name 
_citation_author.ordinal 
_citation_author.identifier_ORCID 
primary 'Serobian, A.'    1 ? 
primary 'Thomas, D.S.'    2 ? 
primary 'Ball, G.E.'      3 ? 
primary 'Denny, W.A.'     4 ? 
primary 'Wakelin, L.P.G.' 5 ? 
# 
loop_
_entity.id 
_entity.type 
_entity.src_method 
_entity.pdbx_description 
_entity.formula_weight 
_entity.pdbx_number_of_molecules 
_entity.pdbx_ec 
_entity.pdbx_mutation 
_entity.pdbx_fragment 
_entity.details 
1 polymer     syn DNA                                                                                                         
2426.617 2 ? ? ? 'THE DNA CONFORMATION IS IN THE FORM OF B-DNA.' 
2 non-polymer syn '1-METHYL-9-[12-(9-METHYLPHENAZIN-10-IUM-1-YL)-12-OXO-2,11-DIAZA-5,8-DIAZONIADODEC-1-ANOYL]PHENAZIN-10-IUM' 
590.718  1 ? ? ? ?                                               
# 
_entity_poly.entity_id                      1 
_entity_poly.type                           polydeoxyribonucleotide 
_entity_poly.nstd_linkage                   no 
_entity_poly.nstd_monomer                   no 
_entity_poly.pdbx_seq_one_letter_code       '(DT)(DA)(DC)(DG)(DC)(DG)(DT)(DA)' 
_entity_poly.pdbx_seq_one_letter_code_can   TACGCGTA 
_entity_poly.pdbx_strand_id                 A,B 
_entity_poly.pdbx_target_identifier         ? 
# 
_pdbx_entity_nonpoly.entity_id   2 
_pdbx_entity_nonpoly.name        
'1-METHYL-9-[12-(9-METHYLPHENAZIN-10-IUM-1-YL)-12-OXO-2,11-DIAZA-5,8-DIAZONIADODEC-1-ANOYL]PHENAZIN-10-IUM' 
_pdbx_entity_nonpoly.comp_id     XR2 
# 
loop_
_entity_poly_seq.entity_id 
_entity_poly_seq.num 
_entity_poly_seq.mon_id 
_entity_poly_seq.hetero 
1 1 DT n 
1 2 DA n 
1 3 DC n 
1 4 DG n 
1 5 DC n 
1 6 DG n 
1 7 DT n 
1 8 DA n 
# 
_pdbx_entity_src_syn.entity_id              1 
_pdbx_entity_src_syn.pdbx_src_id            1 
_pdbx_entity_src_syn.pdbx_alt_source_flag   sample 
_pdbx_entity_src_syn.pdbx_beg_seq_num       ? 
_pdbx_entity_src_syn.pdbx_end_seq_num       ? 
_pdbx_entity_src_syn.organism_scientific    'SYNTHETIC CONSTRUCT' 
_pdbx_entity_src_syn.organism_common_name   ? 
_pdbx_entity_src_syn.ncbi_taxonomy_id       32630 
_pdbx_entity_src_syn.details                ? 
# 
loop_
_chem_comp.id 
_chem_comp.type 
_chem_comp.mon_nstd_flag 
_chem_comp.name 
_chem_comp.pdbx_synonyms 
_chem_comp.formula 
_chem_comp.formula_weight 
DA  'DNA linking' y "2'-DEOXYADENOSINE-5'-MONOPHOSPHATE"                                                                        ? 
'C10 H14 N5 O6 P' 331.222 
DC  'DNA linking' y "2'-DEOXYCYTIDINE-5'-MONOPHOSPHATE"                                                                         ? 
'C9 H14 N3 O7 P'  307.197 
DG  'DNA linking' y "2'-DEOXYGUANOSINE-5'-MONOPHOSPHATE"                                                                        ? 
'C10 H14 N5 O7 P' 347.221 
DT  'DNA linking' y "THYMIDINE-5'-MONOPHOSPHATE"                                                                                ? 
'C10 H15 N2 O8 P' 322.208 
XR2 non-polymer   . '1-METHYL-9-[12-(9-METHYLPHENAZIN-10-IUM-1-YL)-12-OXO-2,11-DIAZA-5,8-DIAZONIADODEC-1-ANOYL]PHENAZIN-10-IUM' ? 
'C34 H38 N8 O2 4' 590.718 
# 
loop_
_pdbx_poly_seq_scheme.asym_id 
_pdbx_poly_seq_scheme.entity_id 
_pdbx_poly_seq_scheme.seq_id 
_pdbx_poly_seq_scheme.mon_id 
_pdbx_poly_seq_scheme.ndb_seq_num 
_pdbx_poly_seq_scheme.pdb_seq_num 
_pdbx_poly_seq_scheme.auth_seq_num 
_pdbx_poly_seq_scheme.pdb_mon_id 
_pdbx_poly_seq_scheme.auth_mon_id 
_pdbx_poly_seq_scheme.pdb_strand_id 
_pdbx_poly_seq_scheme.pdb_ins_code 
_pdbx_poly_seq_scheme.hetero 
A 1 1 DT 1 1  1  DT DT A . n 
A 1 2 DA 2 2  2  DA DA A . n 
A 1 3 DC 3 3  3  DC DC A . n 
A 1 4 DG 4 4  4  DG DG A . n 
A 1 5 DC 5 5  5  DC DC A . n 
A 1 6 DG 6 6  6  DG DG A . n 
A 1 7 DT 7 7  7  DT DT A . n 
A 1 8 DA 8 8  8  DA DA A . n 
B 1 1 DT 1 9  9  DT DT B . n 
B 1 2 DA 2 10 10 DA DA B . n 
B 1 3 DC 3 11 11 DC DC B . n 
B 1 4 DG 4 12 12 DG DG B . n 
B 1 5 DC 5 13 13 DC DC B . n 
B 1 6 DG 6 14 14 DG DG B . n 
B 1 7 DT 7 15 15 DT DT B . n 
B 1 8 DA 8 16 16 DA DA B . n 
# 
_pdbx_nonpoly_scheme.asym_id         C 
_pdbx_nonpoly_scheme.entity_id       2 
_pdbx_nonpoly_scheme.mon_id          XR2 
_pdbx_nonpoly_scheme.ndb_seq_num     1 
_pdbx_nonpoly_scheme.pdb_seq_num     17 
_pdbx_nonpoly_scheme.auth_seq_num    17 
_pdbx_nonpoly_scheme.pdb_mon_id      XR2 
_pdbx_nonpoly_scheme.auth_mon_id     XR2 
_pdbx_nonpoly_scheme.pdb_strand_id   A 
_pdbx_nonpoly_scheme.pdb_ins_code    . 
# 
_cell.entry_id           4BZV 
_cell.length_a           1.000 
_cell.length_b           1.000 
_cell.length_c           1.000 
_cell.angle_alpha        90.00 
_cell.angle_beta         90.00 
_cell.angle_gamma        90.00 
_cell.Z_PDB              1 
_cell.pdbx_unique_axis   ? 
# 
_symmetry.entry_id                         4BZV 
_symmetry.space_group_name_H-M             'P 1' 
_symmetry.pdbx_full_space_group_name_H-M   ? 
_symmetry.cell_setting                     ? 
_symmetry.Int_Tables_number                1 
# 
_exptl.entry_id          4BZV 
_exptl.method            'SOLUTION NMR' 
_exptl.crystals_number   ? 
# 
_struct.entry_id                  4BZV 
_struct.title                     'The Solution Structure of the MLN 944-d(TACGCGTA)2 complex' 
_struct.pdbx_model_details        ? 
_struct.pdbx_CASP_flag            ? 
_struct.pdbx_model_type_details   ? 
# 
_struct_keywords.entry_id        4BZV 
_struct_keywords.pdbx_keywords   DNA 
_struct_keywords.text            'DNA, BIS(PHENAZINE-1-CARBOXAMIDES), MLN 944, INTERCALATION, DRUG DESIGN, ANTICANCER DRUG.' 
# 
loop_
_struct_asym.id 
_struct_asym.pdbx_blank_PDB_chainid_flag 
_struct_asym.pdbx_modified 
_struct_asym.entity_id 
_struct_asym.details 
A N N 1 ? 
B N N 1 ? 
C N N 2 ? 
# 
_struct_ref.id                         1 
_struct_ref.db_name                    PDB 
_struct_ref.db_code                    4BZV 
_struct_ref.entity_id                  1 
_struct_ref.pdbx_seq_one_letter_code   ? 
_struct_ref.pdbx_align_begin           ? 
_struct_ref.pdbx_db_accession          4BZV 
_struct_ref.pdbx_db_isoform            ? 
# 
loop_
_struct_ref_seq.align_id 
_struct_ref_seq.ref_id 
_struct_ref_seq.pdbx_PDB_id_code 
_struct_ref_seq.pdbx_strand_id 
_struct_ref_seq.seq_align_beg 
_struct_ref_seq.pdbx_seq_align_beg_ins_code 
_struct_ref_seq.seq_align_end 
_struct_ref_seq.pdbx_seq_align_end_ins_code 
_struct_ref_seq.pdbx_db_accession 
_struct_ref_seq.db_align_beg 
_struct_ref_seq.pdbx_db_align_beg_ins_code 
_struct_ref_seq.db_align_end 
_struct_ref_seq.pdbx_db_align_end_ins_code 
_struct_ref_seq.pdbx_auth_seq_align_beg 
_struct_ref_seq.pdbx_auth_seq_align_end 
1 1 4BZV A 1 ? 8 ? 4BZV 1 ? 8  ? 1 8  
2 1 4BZV B 1 ? 8 ? 4BZV 9 ? 16 ? 9 16 
# 
_pdbx_struct_assembly.id                   1 
_pdbx_struct_assembly.details              author_and_software_defined_assembly 
_pdbx_struct_assembly.method_details       PQS 
_pdbx_struct_assembly.oligomeric_details   dimeric 
_pdbx_struct_assembly.oligomeric_count     2 
# 
_pdbx_struct_assembly_gen.assembly_id       1 
_pdbx_struct_assembly_gen.oper_expression   1 
_pdbx_struct_assembly_gen.asym_id_list      A,B,C 
# 
_pdbx_struct_oper_list.id                   1 
_pdbx_struct_oper_list.type                 'identity operation' 
_pdbx_struct_oper_list.name                 1_555 
_pdbx_struct_oper_list.symmetry_operation   x,y,z 
_pdbx_struct_oper_list.matrix[1][1]         1.0000000000 
_pdbx_struct_oper_list.matrix[1][2]         0.0000000000 
_pdbx_struct_oper_list.matrix[1][3]         0.0000000000 
_pdbx_struct_oper_list.vector[1]            0.0000000000 
_pdbx_struct_oper_list.matrix[2][1]         0.0000000000 
_pdbx_struct_oper_list.matrix[2][2]         1.0000000000 
_pdbx_struct_oper_list.matrix[2][3]         0.0000000000 
_pdbx_struct_oper_list.vector[2]            0.0000000000 
_pdbx_struct_oper_list.matrix[3][1]         0.0000000000 
_pdbx_struct_oper_list.matrix[3][2]         0.0000000000 
_pdbx_struct_oper_list.matrix[3][3]         1.0000000000 
_pdbx_struct_oper_list.vector[3]            0.0000000000 
# 
_struct_biol.id   1 
# 
loop_
_struct_conn.id 
_struct_conn.conn_type_id 
_struct_conn.pdbx_leaving_atom_flag 
_struct_conn.pdbx_PDB_id 
_struct_conn.ptnr1_label_asym_id 
_struct_conn.ptnr1_label_comp_id 
_struct_conn.ptnr1_label_seq_id 
_struct_conn.ptnr1_label_atom_id 
_struct_conn.pdbx_ptnr1_label_alt_id 
_struct_conn.pdbx_ptnr1_PDB_ins_code 
_struct_conn.pdbx_ptnr1_standard_comp_id 
_struct_conn.ptnr1_symmetry 
_struct_conn.ptnr2_label_asym_id 
_struct_conn.ptnr2_label_comp_id 
_struct_conn.ptnr2_label_seq_id 
_struct_conn.ptnr2_label_atom_id 
_struct_conn.pdbx_ptnr2_label_alt_id 
_struct_conn.pdbx_ptnr2_PDB_ins_code 
_struct_conn.ptnr1_auth_asym_id 
_struct_conn.ptnr1_auth_comp_id 
_struct_conn.ptnr1_auth_seq_id 
_struct_conn.ptnr2_auth_asym_id 
_struct_conn.ptnr2_auth_comp_id 
_struct_conn.ptnr2_auth_seq_id 
_struct_conn.ptnr2_symmetry 
_struct_conn.pdbx_ptnr3_label_atom_id 
_struct_conn.pdbx_ptnr3_label_seq_id 
_struct_conn.pdbx_ptnr3_label_comp_id 
_struct_conn.pdbx_ptnr3_label_asym_id 
_struct_conn.pdbx_ptnr3_label_alt_id 
_struct_conn.pdbx_ptnr3_PDB_ins_code 
_struct_conn.details 
_struct_conn.pdbx_dist_value 
_struct_conn.pdbx_value_order 
_struct_conn.pdbx_role 
hydrog1  hydrog ? ? A DT 1 N3 ? ? ? 1_555 B DA 8 N1 ? ? A DT 1 B DA 16 1_555 ? ? ? ? ? ? WATSON-CRICK ? ? ? 
hydrog2  hydrog ? ? A DT 1 O4 ? ? ? 1_555 B DA 8 N6 ? ? A DT 1 B DA 16 1_555 ? ? ? ? ? ? WATSON-CRICK ? ? ? 
hydrog3  hydrog ? ? A DA 2 N1 ? ? ? 1_555 B DT 7 N3 ? ? A DA 2 B DT 15 1_555 ? ? ? ? ? ? WATSON-CRICK ? ? ? 
hydrog4  hydrog ? ? A DA 2 N6 ? ? ? 1_555 B DT 7 O4 ? ? A DA 2 B DT 15 1_555 ? ? ? ? ? ? WATSON-CRICK ? ? ? 
hydrog5  hydrog ? ? A DC 3 N3 ? ? ? 1_555 B DG 6 N1 ? ? A DC 3 B DG 14 1_555 ? ? ? ? ? ? WATSON-CRICK ? ? ? 
hydrog6  hydrog ? ? A DC 3 N4 ? ? ? 1_555 B DG 6 O6 ? ? A DC 3 B DG 14 1_555 ? ? ? ? ? ? WATSON-CRICK ? ? ? 
hydrog7  hydrog ? ? A DC 3 O2 ? ? ? 1_555 B DG 6 N2 ? ? A DC 3 B DG 14 1_555 ? ? ? ? ? ? WATSON-CRICK ? ? ? 
hydrog8  hydrog ? ? A DG 4 N1 ? ? ? 1_555 B DC 5 N3 ? ? A DG 4 B DC 13 1_555 ? ? ? ? ? ? WATSON-CRICK ? ? ? 
hydrog9  hydrog ? ? A DG 4 N2 ? ? ? 1_555 B DC 5 O2 ? ? A DG 4 B DC 13 1_555 ? ? ? ? ? ? WATSON-CRICK ? ? ? 
hydrog10 hydrog ? ? A DG 4 O6 ? ? ? 1_555 B DC 5 N4 ? ? A DG 4 B DC 13 1_555 ? ? ? ? ? ? WATSON-CRICK ? ? ? 
hydrog11 hydrog ? ? A DC 5 N3 ? ? ? 1_555 B DG 4 N1 ? ? A DC 5 B DG 12 1_555 ? ? ? ? ? ? WATSON-CRICK ? ? ? 
hydrog12 hydrog ? ? A DC 5 N4 ? ? ? 1_555 B DG 4 O6 ? ? A DC 5 B DG 12 1_555 ? ? ? ? ? ? WATSON-CRICK ? ? ? 
hydrog13 hydrog ? ? A DC 5 O2 ? ? ? 1_555 B DG 4 N2 ? ? A DC 5 B DG 12 1_555 ? ? ? ? ? ? WATSON-CRICK ? ? ? 
hydrog14 hydrog ? ? A DG 6 N1 ? ? ? 1_555 B DC 3 N3 ? ? A DG 6 B DC 11 1_555 ? ? ? ? ? ? WATSON-CRICK ? ? ? 
hydrog15 hydrog ? ? A DG 6 N2 ? ? ? 1_555 B DC 3 O2 ? ? A DG 6 B DC 11 1_555 ? ? ? ? ? ? WATSON-CRICK ? ? ? 
hydrog16 hydrog ? ? A DG 6 O6 ? ? ? 1_555 B DC 3 N4 ? ? A DG 6 B DC 11 1_555 ? ? ? ? ? ? WATSON-CRICK ? ? ? 
hydrog17 hydrog ? ? A DT 7 N3 ? ? ? 1_555 B DA 2 N1 ? ? A DT 7 B DA 10 1_555 ? ? ? ? ? ? WATSON-CRICK ? ? ? 
hydrog18 hydrog ? ? A DT 7 O4 ? ? ? 1_555 B DA 2 N6 ? ? A DT 7 B DA 10 1_555 ? ? ? ? ? ? WATSON-CRICK ? ? ? 
hydrog19 hydrog ? ? A DA 8 N1 ? ? ? 1_555 B DT 1 N3 ? ? A DA 8 B DT 9  1_555 ? ? ? ? ? ? WATSON-CRICK ? ? ? 
hydrog20 hydrog ? ? A DA 8 N6 ? ? ? 1_555 B DT 1 O4 ? ? A DA 8 B DT 9  1_555 ? ? ? ? ? ? WATSON-CRICK ? ? ? 
# 
_struct_conn_type.id          hydrog 
_struct_conn_type.criteria    ? 
_struct_conn_type.reference   ? 
# 
_struct_site.id                   AC1 
_struct_site.pdbx_evidence_code   Software 
_struct_site.pdbx_auth_asym_id    A 
_struct_site.pdbx_auth_comp_id    XR2 
_struct_site.pdbx_auth_seq_id     17 
_struct_site.pdbx_auth_ins_code   ? 
_struct_site.pdbx_num_residues    8 
_struct_site.details              'BINDING SITE FOR RESIDUE XR2 A 17' 
# 
loop_
_struct_site_gen.id 
_struct_site_gen.site_id 
_struct_site_gen.pdbx_num_res 
_struct_site_gen.label_comp_id 
_struct_site_gen.label_asym_id 
_struct_site_gen.label_seq_id 
_struct_site_gen.pdbx_auth_ins_code 
_struct_site_gen.auth_comp_id 
_struct_site_gen.auth_asym_id 
_struct_site_gen.auth_seq_id 
_struct_site_gen.label_atom_id 
_struct_site_gen.label_alt_id 
_struct_site_gen.symmetry 
_struct_site_gen.details 
1 AC1 8 DC A 3 ? DC A 3  . ? 1_555 ? 
2 AC1 8 DG A 4 ? DG A 4  . ? 1_555 ? 
3 AC1 8 DC A 5 ? DC A 5  . ? 1_555 ? 
4 AC1 8 DG A 6 ? DG A 6  . ? 1_555 ? 
5 AC1 8 DC B 3 ? DC B 11 . ? 1_555 ? 
6 AC1 8 DG B 4 ? DG B 12 . ? 1_555 ? 
7 AC1 8 DC B 5 ? DC B 13 . ? 1_555 ? 
8 AC1 8 DG B 6 ? DG B 14 . ? 1_555 ? 
# 
loop_
_pdbx_validate_rmsd_angle.id 
_pdbx_validate_rmsd_angle.PDB_model_num 
_pdbx_validate_rmsd_angle.auth_atom_id_1 
_pdbx_validate_rmsd_angle.auth_asym_id_1 
_pdbx_validate_rmsd_angle.auth_comp_id_1 
_pdbx_validate_rmsd_angle.auth_seq_id_1 
_pdbx_validate_rmsd_angle.PDB_ins_code_1 
_pdbx_validate_rmsd_angle.label_alt_id_1 
_pdbx_validate_rmsd_angle.auth_atom_id_2 
_pdbx_validate_rmsd_angle.auth_asym_id_2 
_pdbx_validate_rmsd_angle.auth_comp_id_2 
_pdbx_validate_rmsd_angle.auth_seq_id_2 
_pdbx_validate_rmsd_angle.PDB_ins_code_2 
_pdbx_validate_rmsd_angle.label_alt_id_2 
_pdbx_validate_rmsd_angle.auth_atom_id_3 
_pdbx_validate_rmsd_angle.auth_asym_id_3 
_pdbx_validate_rmsd_angle.auth_comp_id_3 
_pdbx_validate_rmsd_angle.auth_seq_id_3 
_pdbx_validate_rmsd_angle.PDB_ins_code_3 
_pdbx_validate_rmsd_angle.label_alt_id_3 
_pdbx_validate_rmsd_angle.angle_value 
_pdbx_validate_rmsd_angle.angle_target_value 
_pdbx_validate_rmsd_angle.angle_deviation 
_pdbx_validate_rmsd_angle.angle_standard_deviation 
_pdbx_validate_rmsd_angle.linker_flag 
1  1 "O4'" A DT 1  ? ? "C1'" A DT 1  ? ? N1    A DT 1  ? ? 111.43 108.30 3.13  0.30 N 
2  1 C4    A DA 2  ? ? C5    A DA 2  ? ? C6    A DA 2  ? ? 113.86 117.00 -3.14 0.50 N 
3  1 C5    A DA 2  ? ? C6    A DA 2  ? ? N1    A DA 2  ? ? 121.34 117.70 3.64  0.50 N 
4  1 N1    A DA 2  ? ? C6    A DA 2  ? ? N6    A DA 2  ? ? 114.62 118.60 -3.98 0.60 N 
5  1 N3    A DC 3  ? ? C2    A DC 3  ? ? O2    A DC 3  ? ? 117.29 121.90 -4.61 0.70 N 
6  1 "O4'" A DG 4  ? ? "C1'" A DG 4  ? ? "C2'" A DG 4  ? ? 100.74 105.90 -5.16 0.80 N 
7  1 "O4'" A DG 4  ? ? "C1'" A DG 4  ? ? N9    A DG 4  ? ? 111.10 108.30 2.80  0.30 N 
8  1 N3    A DC 5  ? ? C2    A DC 5  ? ? O2    A DC 5  ? ? 117.39 121.90 -4.51 0.70 N 
9  1 N1    A DG 6  ? ? C6    A DG 6  ? ? O6    A DG 6  ? ? 115.55 119.90 -4.35 0.60 N 
10 1 "O4'" A DA 8  ? ? "C1'" A DA 8  ? ? N9    A DA 8  ? ? 111.84 108.30 3.54  0.30 N 
11 1 C4    A DA 8  ? ? C5    A DA 8  ? ? C6    A DA 8  ? ? 113.87 117.00 -3.13 0.50 N 
12 1 C5    A DA 8  ? ? C6    A DA 8  ? ? N1    A DA 8  ? ? 120.85 117.70 3.15  0.50 N 
13 1 N1    A DA 8  ? ? C6    A DA 8  ? ? N6    A DA 8  ? ? 114.07 118.60 -4.53 0.60 N 
14 1 "O4'" B DT 9  ? ? "C1'" B DT 9  ? ? N1    B DT 9  ? ? 111.85 108.30 3.55  0.30 N 
15 1 N3    B DT 9  ? ? C2    B DT 9  ? ? O2    B DT 9  ? ? 118.60 122.30 -3.70 0.60 N 
16 1 C4    B DA 10 ? ? C5    B DA 10 ? ? C6    B DA 10 ? ? 113.21 117.00 -3.79 0.50 N 
17 1 C5    B DA 10 ? ? C6    B DA 10 ? ? N1    B DA 10 ? ? 121.57 117.70 3.87  0.50 N 
18 1 N1    B DA 10 ? ? C6    B DA 10 ? ? N6    B DA 10 ? ? 113.02 118.60 -5.58 0.60 N 
19 1 N3    B DC 11 ? ? C2    B DC 11 ? ? O2    B DC 11 ? ? 116.85 121.90 -5.05 0.70 N 
20 1 N3    B DC 13 ? ? C2    B DC 13 ? ? O2    B DC 13 ? ? 117.23 121.90 -4.67 0.70 N 
21 1 "O4'" B DT 15 ? ? "C1'" B DT 15 ? ? N1    B DT 15 ? ? 111.28 108.30 2.98  0.30 N 
22 1 C6    B DT 15 ? ? C5    B DT 15 ? ? C7    B DT 15 ? ? 119.27 122.90 -3.63 0.60 N 
23 1 "O4'" B DA 16 ? ? "C1'" B DA 16 ? ? N9    B DA 16 ? ? 111.14 108.30 2.84  0.30 N 
24 1 C4    B DA 16 ? ? C5    B DA 16 ? ? C6    B DA 16 ? ? 113.89 117.00 -3.11 0.50 N 
25 1 C5    B DA 16 ? ? C6    B DA 16 ? ? N1    B DA 16 ? ? 120.94 117.70 3.24  0.50 N 
26 1 N1    B DA 16 ? ? C6    B DA 16 ? ? N6    B DA 16 ? ? 113.61 118.60 -4.99 0.60 N 
# 
loop_
_pdbx_validate_planes.id 
_pdbx_validate_planes.PDB_model_num 
_pdbx_validate_planes.auth_comp_id 
_pdbx_validate_planes.auth_asym_id 
_pdbx_validate_planes.auth_seq_id 
_pdbx_validate_planes.PDB_ins_code 
_pdbx_validate_planes.label_alt_id 
_pdbx_validate_planes.rmsd 
_pdbx_validate_planes.type 
1 1 DG A 6  ? ? 0.074 'SIDE CHAIN' 
2 1 DG B 12 ? ? 0.057 'SIDE CHAIN' 
# 
_pdbx_nmr_ensemble.entry_id                             4BZV 
_pdbx_nmr_ensemble.conformers_calculated_total_number   1 
_pdbx_nmr_ensemble.conformers_submitted_total_number    1 
_pdbx_nmr_ensemble.conformer_selection_criteria         'DISTANCE RESTRAINTS' 
# 
_pdbx_nmr_sample_details.solution_id   1 
_pdbx_nmr_sample_details.contents      '10% WATER/90% D2O' 
# 
_pdbx_nmr_exptl_sample_conditions.conditions_id          1 
_pdbx_nmr_exptl_sample_conditions.temperature            288.0 
_pdbx_nmr_exptl_sample_conditions.pressure_units         atm 
_pdbx_nmr_exptl_sample_conditions.pressure               1.0 
_pdbx_nmr_exptl_sample_conditions.pH                     5.0 
_pdbx_nmr_exptl_sample_conditions.ionic_strength         80 
_pdbx_nmr_exptl_sample_conditions.ionic_strength_units   mM 
_pdbx_nmr_exptl_sample_conditions.pH_units               pH 
_pdbx_nmr_exptl_sample_conditions.temperature_units      K 
# 
loop_
_pdbx_nmr_exptl.experiment_id 
_pdbx_nmr_exptl.conditions_id 
_pdbx_nmr_exptl.type 
_pdbx_nmr_exptl.solution_id 
1 1 NOESY      1 
2 1 COSY       1 
3 1 TOCSY      1 
4 1 '31P HSQC' 1 
5 1 '15N HSQC' 1 
# 
_pdbx_nmr_details.entry_id   4BZV 
_pdbx_nmr_details.text       'AVERAGE ENERGY MINIMISED SOLUTION STRUCTURE FROM 10 NS OF MOLECULAR DYNAMICS' 
# 
_pdbx_nmr_refine.entry_id           4BZV 
_pdbx_nmr_refine.method             'AMBER - MOLECULAR DYNAMICS' 
_pdbx_nmr_refine.details            ? 
_pdbx_nmr_refine.software_ordinal   1 
# 
loop_
_pdbx_nmr_software.classification 
_pdbx_nmr_software.name 
_pdbx_nmr_software.version 
_pdbx_nmr_software.authors 
_pdbx_nmr_software.ordinal 
refinement           Amber   ?   D.A.CASE,ET.AL. 1 
'structure solution' TopSpin 3.1 ?               2 
# 
loop_
_chem_comp_atom.comp_id 
_chem_comp_atom.atom_id 
_chem_comp_atom.type_symbol 
_chem_comp_atom.pdbx_aromatic_flag 
_chem_comp_atom.pdbx_stereo_config 
_chem_comp_atom.pdbx_ordinal 
DA  OP3    O N N 1   
DA  P      P N N 2   
DA  OP1    O N N 3   
DA  OP2    O N N 4   
DA  "O5'"  O N N 5   
DA  "C5'"  C N N 6   
DA  "C4'"  C N R 7   
DA  "O4'"  O N N 8   
DA  "C3'"  C N S 9   
DA  "O3'"  O N N 10  
DA  "C2'"  C N N 11  
DA  "C1'"  C N R 12  
DA  N9     N Y N 13  
DA  C8     C Y N 14  
DA  N7     N Y N 15  
DA  C5     C Y N 16  
DA  C6     C Y N 17  
DA  N6     N N N 18  
DA  N1     N Y N 19  
DA  C2     C Y N 20  
DA  N3     N Y N 21  
DA  C4     C Y N 22  
DA  HOP3   H N N 23  
DA  HOP2   H N N 24  
DA  "H5'"  H N N 25  
DA  "H5''" H N N 26  
DA  "H4'"  H N N 27  
DA  "H3'"  H N N 28  
DA  "HO3'" H N N 29  
DA  "H2'"  H N N 30  
DA  "H2''" H N N 31  
DA  "H1'"  H N N 32  
DA  H8     H N N 33  
DA  H61    H N N 34  
DA  H62    H N N 35  
DA  H2     H N N 36  
DC  OP3    O N N 37  
DC  P      P N N 38  
DC  OP1    O N N 39  
DC  OP2    O N N 40  
DC  "O5'"  O N N 41  
DC  "C5'"  C N N 42  
DC  "C4'"  C N R 43  
DC  "O4'"  O N N 44  
DC  "C3'"  C N S 45  
DC  "O3'"  O N N 46  
DC  "C2'"  C N N 47  
DC  "C1'"  C N R 48  
DC  N1     N N N 49  
DC  C2     C N N 50  
DC  O2     O N N 51  
DC  N3     N N N 52  
DC  C4     C N N 53  
DC  N4     N N N 54  
DC  C5     C N N 55  
DC  C6     C N N 56  
DC  HOP3   H N N 57  
DC  HOP2   H N N 58  
DC  "H5'"  H N N 59  
DC  "H5''" H N N 60  
DC  "H4'"  H N N 61  
DC  "H3'"  H N N 62  
DC  "HO3'" H N N 63  
DC  "H2'"  H N N 64  
DC  "H2''" H N N 65  
DC  "H1'"  H N N 66  
DC  H41    H N N 67  
DC  H42    H N N 68  
DC  H5     H N N 69  
DC  H6     H N N 70  
DG  OP3    O N N 71  
DG  P      P N N 72  
DG  OP1    O N N 73  
DG  OP2    O N N 74  
DG  "O5'"  O N N 75  
DG  "C5'"  C N N 76  
DG  "C4'"  C N R 77  
DG  "O4'"  O N N 78  
DG  "C3'"  C N S 79  
DG  "O3'"  O N N 80  
DG  "C2'"  C N N 81  
DG  "C1'"  C N R 82  
DG  N9     N Y N 83  
DG  C8     C Y N 84  
DG  N7     N Y N 85  
DG  C5     C Y N 86  
DG  C6     C N N 87  
DG  O6     O N N 88  
DG  N1     N N N 89  
DG  C2     C N N 90  
DG  N2     N N N 91  
DG  N3     N N N 92  
DG  C4     C Y N 93  
DG  HOP3   H N N 94  
DG  HOP2   H N N 95  
DG  "H5'"  H N N 96  
DG  "H5''" H N N 97  
DG  "H4'"  H N N 98  
DG  "H3'"  H N N 99  
DG  "HO3'" H N N 100 
DG  "H2'"  H N N 101 
DG  "H2''" H N N 102 
DG  "H1'"  H N N 103 
DG  H8     H N N 104 
DG  H1     H N N 105 
DG  H21    H N N 106 
DG  H22    H N N 107 
DT  OP3    O N N 108 
DT  P      P N N 109 
DT  OP1    O N N 110 
DT  OP2    O N N 111 
DT  "O5'"  O N N 112 
DT  "C5'"  C N N 113 
DT  "C4'"  C N R 114 
DT  "O4'"  O N N 115 
DT  "C3'"  C N S 116 
DT  "O3'"  O N N 117 
DT  "C2'"  C N N 118 
DT  "C1'"  C N R 119 
DT  N1     N N N 120 
DT  C2     C N N 121 
DT  O2     O N N 122 
DT  N3     N N N 123 
DT  C4     C N N 124 
DT  O4     O N N 125 
DT  C5     C N N 126 
DT  C7     C N N 127 
DT  C6     C N N 128 
DT  HOP3   H N N 129 
DT  HOP2   H N N 130 
DT  "H5'"  H N N 131 
DT  "H5''" H N N 132 
DT  "H4'"  H N N 133 
DT  "H3'"  H N N 134 
DT  "HO3'" H N N 135 
DT  "H2'"  H N N 136 
DT  "H2''" H N N 137 
DT  "H1'"  H N N 138 
DT  H3     H N N 139 
DT  H71    H N N 140 
DT  H72    H N N 141 
DT  H73    H N N 142 
DT  H6     H N N 143 
XR2 C1     C Y N 144 
XR2 C2     C Y N 145 
XR2 C3     C Y N 146 
XR2 C4     C Y N 147 
XR2 C12    C Y N 148 
XR2 C11    C Y N 149 
XR2 N5     N Y N 150 
XR2 N10    N Y N 151 
XR2 C13    C Y N 152 
XR2 C14    C Y N 153 
XR2 C6     C Y N 154 
XR2 C7     C Y N 155 
XR2 C8     C Y N 156 
XR2 C9     C Y N 157 
XR2 C9A    C N N 158 
XR2 C      C N N 159 
XR2 O      O N N 160 
XR2 N      N N N 161 
XR2 CA     C N N 162 
XR2 CB     C N N 163 
XR2 NG     N N N 164 
XR2 CD     C N N 165 
XR2 "N'"   N N N 166 
XR2 "C'"   C N N 167 
XR2 "O'"   O N N 168 
XR2 "C1'"  C Y N 169 
XR2 "C2'"  C Y N 170 
XR2 "C3'"  C Y N 171 
XR2 "C4'"  C Y N 172 
XR2 CCX    C Y N 173 
XR2 "N5'"  N Y N 174 
XR2 CDX    C Y N 175 
XR2 CEX    C Y N 176 
XR2 NAX    N Y N 177 
XR2 CBX    C Y N 178 
XR2 "C9'"  C Y N 179 
XR2 "C8'"  C Y N 180 
XR2 "C7'"  C Y N 181 
XR2 "C6'"  C Y N 182 
XR2 C9X    C N N 183 
XR2 "CA'"  C N N 184 
XR2 "CB'"  C N N 185 
XR2 "NG'"  N N N 186 
XR2 "CD'"  C N N 187 
XR2 H2     H N N 188 
XR2 H3     H N N 189 
XR2 H4     H N N 190 
XR2 H10    H N N 191 
XR2 H6     H N N 192 
XR2 H7     H N N 193 
XR2 H8     H N N 194 
XR2 H91    H N N 195 
XR2 H92    H N N 196 
XR2 H93    H N N 197 
XR2 HN     H N N 198 
XR2 HA1    H N N 199 
XR2 HA2    H N N 200 
XR2 HB1    H N N 201 
XR2 HB2    H N N 202 
XR2 HG1    H N N 203 
XR2 HG2    H N N 204 
XR2 HD1    H N N 205 
XR2 HD2    H N N 206 
XR2 "HN'"  H N N 207 
XR2 "H2'"  H N N 208 
XR2 "H3'"  H N N 209 
XR2 "H4'"  H N N 210 
XR2 "H10'" H N N 211 
XR2 "H8'"  H N N 212 
XR2 "H7'"  H N N 213 
XR2 "H6'"  H N N 214 
XR2 "H91'" H N N 215 
XR2 "H92'" H N N 216 
XR2 "H93'" H N N 217 
XR2 "HA1'" H N N 218 
XR2 "HA2'" H N N 219 
XR2 "HB1'" H N N 220 
XR2 "HB2'" H N N 221 
XR2 "HG1'" H N N 222 
XR2 "HG2'" H N N 223 
XR2 "HD1'" H N N 224 
XR2 "HD2'" H N N 225 
# 
loop_
_chem_comp_bond.comp_id 
_chem_comp_bond.atom_id_1 
_chem_comp_bond.atom_id_2 
_chem_comp_bond.value_order 
_chem_comp_bond.pdbx_aromatic_flag 
_chem_comp_bond.pdbx_stereo_config 
_chem_comp_bond.pdbx_ordinal 
DA  OP3   P      sing N N 1   
DA  OP3   HOP3   sing N N 2   
DA  P     OP1    doub N N 3   
DA  P     OP2    sing N N 4   
DA  P     "O5'"  sing N N 5   
DA  OP2   HOP2   sing N N 6   
DA  "O5'" "C5'"  sing N N 7   
DA  "C5'" "C4'"  sing N N 8   
DA  "C5'" "H5'"  sing N N 9   
DA  "C5'" "H5''" sing N N 10  
DA  "C4'" "O4'"  sing N N 11  
DA  "C4'" "C3'"  sing N N 12  
DA  "C4'" "H4'"  sing N N 13  
DA  "O4'" "C1'"  sing N N 14  
DA  "C3'" "O3'"  sing N N 15  
DA  "C3'" "C2'"  sing N N 16  
DA  "C3'" "H3'"  sing N N 17  
DA  "O3'" "HO3'" sing N N 18  
DA  "C2'" "C1'"  sing N N 19  
DA  "C2'" "H2'"  sing N N 20  
DA  "C2'" "H2''" sing N N 21  
DA  "C1'" N9     sing N N 22  
DA  "C1'" "H1'"  sing N N 23  
DA  N9    C8     sing Y N 24  
DA  N9    C4     sing Y N 25  
DA  C8    N7     doub Y N 26  
DA  C8    H8     sing N N 27  
DA  N7    C5     sing Y N 28  
DA  C5    C6     sing Y N 29  
DA  C5    C4     doub Y N 30  
DA  C6    N6     sing N N 31  
DA  C6    N1     doub Y N 32  
DA  N6    H61    sing N N 33  
DA  N6    H62    sing N N 34  
DA  N1    C2     sing Y N 35  
DA  C2    N3     doub Y N 36  
DA  C2    H2     sing N N 37  
DA  N3    C4     sing Y N 38  
DC  OP3   P      sing N N 39  
DC  OP3   HOP3   sing N N 40  
DC  P     OP1    doub N N 41  
DC  P     OP2    sing N N 42  
DC  P     "O5'"  sing N N 43  
DC  OP2   HOP2   sing N N 44  
DC  "O5'" "C5'"  sing N N 45  
DC  "C5'" "C4'"  sing N N 46  
DC  "C5'" "H5'"  sing N N 47  
DC  "C5'" "H5''" sing N N 48  
DC  "C4'" "O4'"  sing N N 49  
DC  "C4'" "C3'"  sing N N 50  
DC  "C4'" "H4'"  sing N N 51  
DC  "O4'" "C1'"  sing N N 52  
DC  "C3'" "O3'"  sing N N 53  
DC  "C3'" "C2'"  sing N N 54  
DC  "C3'" "H3'"  sing N N 55  
DC  "O3'" "HO3'" sing N N 56  
DC  "C2'" "C1'"  sing N N 57  
DC  "C2'" "H2'"  sing N N 58  
DC  "C2'" "H2''" sing N N 59  
DC  "C1'" N1     sing N N 60  
DC  "C1'" "H1'"  sing N N 61  
DC  N1    C2     sing N N 62  
DC  N1    C6     sing N N 63  
DC  C2    O2     doub N N 64  
DC  C2    N3     sing N N 65  
DC  N3    C4     doub N N 66  
DC  C4    N4     sing N N 67  
DC  C4    C5     sing N N 68  
DC  N4    H41    sing N N 69  
DC  N4    H42    sing N N 70  
DC  C5    C6     doub N N 71  
DC  C5    H5     sing N N 72  
DC  C6    H6     sing N N 73  
DG  OP3   P      sing N N 74  
DG  OP3   HOP3   sing N N 75  
DG  P     OP1    doub N N 76  
DG  P     OP2    sing N N 77  
DG  P     "O5'"  sing N N 78  
DG  OP2   HOP2   sing N N 79  
DG  "O5'" "C5'"  sing N N 80  
DG  "C5'" "C4'"  sing N N 81  
DG  "C5'" "H5'"  sing N N 82  
DG  "C5'" "H5''" sing N N 83  
DG  "C4'" "O4'"  sing N N 84  
DG  "C4'" "C3'"  sing N N 85  
DG  "C4'" "H4'"  sing N N 86  
DG  "O4'" "C1'"  sing N N 87  
DG  "C3'" "O3'"  sing N N 88  
DG  "C3'" "C2'"  sing N N 89  
DG  "C3'" "H3'"  sing N N 90  
DG  "O3'" "HO3'" sing N N 91  
DG  "C2'" "C1'"  sing N N 92  
DG  "C2'" "H2'"  sing N N 93  
DG  "C2'" "H2''" sing N N 94  
DG  "C1'" N9     sing N N 95  
DG  "C1'" "H1'"  sing N N 96  
DG  N9    C8     sing Y N 97  
DG  N9    C4     sing Y N 98  
DG  C8    N7     doub Y N 99  
DG  C8    H8     sing N N 100 
DG  N7    C5     sing Y N 101 
DG  C5    C6     sing N N 102 
DG  C5    C4     doub Y N 103 
DG  C6    O6     doub N N 104 
DG  C6    N1     sing N N 105 
DG  N1    C2     sing N N 106 
DG  N1    H1     sing N N 107 
DG  C2    N2     sing N N 108 
DG  C2    N3     doub N N 109 
DG  N2    H21    sing N N 110 
DG  N2    H22    sing N N 111 
DG  N3    C4     sing N N 112 
DT  OP3   P      sing N N 113 
DT  OP3   HOP3   sing N N 114 
DT  P     OP1    doub N N 115 
DT  P     OP2    sing N N 116 
DT  P     "O5'"  sing N N 117 
DT  OP2   HOP2   sing N N 118 
DT  "O5'" "C5'"  sing N N 119 
DT  "C5'" "C4'"  sing N N 120 
DT  "C5'" "H5'"  sing N N 121 
DT  "C5'" "H5''" sing N N 122 
DT  "C4'" "O4'"  sing N N 123 
DT  "C4'" "C3'"  sing N N 124 
DT  "C4'" "H4'"  sing N N 125 
DT  "O4'" "C1'"  sing N N 126 
DT  "C3'" "O3'"  sing N N 127 
DT  "C3'" "C2'"  sing N N 128 
DT  "C3'" "H3'"  sing N N 129 
DT  "O3'" "HO3'" sing N N 130 
DT  "C2'" "C1'"  sing N N 131 
DT  "C2'" "H2'"  sing N N 132 
DT  "C2'" "H2''" sing N N 133 
DT  "C1'" N1     sing N N 134 
DT  "C1'" "H1'"  sing N N 135 
DT  N1    C2     sing N N 136 
DT  N1    C6     sing N N 137 
DT  C2    O2     doub N N 138 
DT  C2    N3     sing N N 139 
DT  N3    C4     sing N N 140 
DT  N3    H3     sing N N 141 
DT  C4    O4     doub N N 142 
DT  C4    C5     sing N N 143 
DT  C5    C7     sing N N 144 
DT  C5    C6     doub N N 145 
DT  C7    H71    sing N N 146 
DT  C7    H72    sing N N 147 
DT  C7    H73    sing N N 148 
DT  C6    H6     sing N N 149 
XR2 C1    C2     doub Y N 150 
XR2 C1    C11    sing Y N 151 
XR2 C1    C      sing N N 152 
XR2 C2    C3     sing Y N 153 
XR2 C2    H2     sing N N 154 
XR2 C3    C4     doub Y N 155 
XR2 C3    H3     sing N N 156 
XR2 C4    C12    sing Y N 157 
XR2 C4    H4     sing N N 158 
XR2 C12   C11    sing Y N 159 
XR2 C12   N5     doub Y N 160 
XR2 C11   N10    doub Y N 161 
XR2 N5    C13    sing Y N 162 
XR2 N10   C14    sing Y N 163 
XR2 N10   H10    sing N N 164 
XR2 C13   C14    doub Y N 165 
XR2 C13   C6     sing Y N 166 
XR2 C14   C9     sing Y N 167 
XR2 C6    C7     doub Y N 168 
XR2 C6    H6     sing N N 169 
XR2 C7    C8     sing Y N 170 
XR2 C7    H7     sing N N 171 
XR2 C8    C9     doub Y N 172 
XR2 C8    H8     sing N N 173 
XR2 C9    C9A    sing N N 174 
XR2 C9A   H91    sing N N 175 
XR2 C9A   H92    sing N N 176 
XR2 C9A   H93    sing N N 177 
XR2 C     O      doub N N 178 
XR2 C     N      sing N N 179 
XR2 N     CA     sing N N 180 
XR2 N     HN     sing N N 181 
XR2 CA    CB     sing N N 182 
XR2 CA    HA1    sing N N 183 
XR2 CA    HA2    sing N N 184 
XR2 CB    NG     sing N N 185 
XR2 CB    HB1    sing N N 186 
XR2 CB    HB2    sing N N 187 
XR2 NG    CD     sing N N 188 
XR2 NG    HG1    sing N N 189 
XR2 NG    HG2    sing N N 190 
XR2 CD    "CD'"  sing N N 191 
XR2 CD    HD1    sing N N 192 
XR2 CD    HD2    sing N N 193 
XR2 "N'"  "C'"   sing N N 194 
XR2 "N'"  "CA'"  sing N N 195 
XR2 "N'"  "HN'"  sing N N 196 
XR2 "C'"  "O'"   doub N N 197 
XR2 "C'"  "C1'"  sing N N 198 
XR2 "C1'" "C2'"  doub Y N 199 
XR2 "C1'" CBX    sing Y N 200 
XR2 "C2'" "C3'"  sing Y N 201 
XR2 "C2'" "H2'"  sing N N 202 
XR2 "C3'" "C4'"  doub Y N 203 
XR2 "C3'" "H3'"  sing N N 204 
XR2 "C4'" CCX    sing Y N 205 
XR2 "C4'" "H4'"  sing N N 206 
XR2 CCX   "N5'"  doub Y N 207 
XR2 CCX   CBX    sing Y N 208 
XR2 "N5'" CDX    sing Y N 209 
XR2 CDX   CEX    doub Y N 210 
XR2 CDX   "C6'"  sing Y N 211 
XR2 CEX   NAX    sing Y N 212 
XR2 CEX   "C9'"  sing Y N 213 
XR2 NAX   CBX    doub Y N 214 
XR2 NAX   "H10'" sing N N 215 
XR2 "C9'" "C8'"  doub Y N 216 
XR2 "C9'" C9X    sing N N 217 
XR2 "C8'" "C7'"  sing Y N 218 
XR2 "C8'" "H8'"  sing N N 219 
XR2 "C7'" "C6'"  doub Y N 220 
XR2 "C7'" "H7'"  sing N N 221 
XR2 "C6'" "H6'"  sing N N 222 
XR2 C9X   "H91'" sing N N 223 
XR2 C9X   "H92'" sing N N 224 
XR2 C9X   "H93'" sing N N 225 
XR2 "CA'" "CB'"  sing N N 226 
XR2 "CA'" "HA1'" sing N N 227 
XR2 "CA'" "HA2'" sing N N 228 
XR2 "CB'" "NG'"  sing N N 229 
XR2 "CB'" "HB1'" sing N N 230 
XR2 "CB'" "HB2'" sing N N 231 
XR2 "NG'" "CD'"  sing N N 232 
XR2 "NG'" "HG1'" sing N N 233 
XR2 "NG'" "HG2'" sing N N 234 
XR2 "CD'" "HD1'" sing N N 235 
XR2 "CD'" "HD2'" sing N N 236 
# 
_ndb_struct_conf_na.entry_id   4BZV 
_ndb_struct_conf_na.feature    'b-form double helix' 
# 
loop_
_ndb_struct_na_base_pair.model_number 
_ndb_struct_na_base_pair.i_label_asym_id 
_ndb_struct_na_base_pair.i_label_comp_id 
_ndb_struct_na_base_pair.i_label_seq_id 
_ndb_struct_na_base_pair.i_symmetry 
_ndb_struct_na_base_pair.j_label_asym_id 
_ndb_struct_na_base_pair.j_label_comp_id 
_ndb_struct_na_base_pair.j_label_seq_id 
_ndb_struct_na_base_pair.j_symmetry 
_ndb_struct_na_base_pair.shear 
_ndb_struct_na_base_pair.stretch 
_ndb_struct_na_base_pair.stagger 
_ndb_struct_na_base_pair.buckle 
_ndb_struct_na_base_pair.propeller 
_ndb_struct_na_base_pair.opening 
_ndb_struct_na_base_pair.pair_number 
_ndb_struct_na_base_pair.pair_name 
_ndb_struct_na_base_pair.i_auth_asym_id 
_ndb_struct_na_base_pair.i_auth_seq_id 
_ndb_struct_na_base_pair.i_PDB_ins_code 
_ndb_struct_na_base_pair.j_auth_asym_id 
_ndb_struct_na_base_pair.j_auth_seq_id 
_ndb_struct_na_base_pair.j_PDB_ins_code 
_ndb_struct_na_base_pair.hbond_type_28 
_ndb_struct_na_base_pair.hbond_type_12 
1 A DT 1 1_555 B DA 8 1_555 -0.085 -0.222 -0.971 -9.732 -48.153 5.775  1 A_DT1:DA16_B A 1 ? B 16 ? 20 1 
1 A DA 2 1_555 B DT 7 1_555 0.046  0.005  0.491  3.074  5.876   -2.941 2 A_DA2:DT15_B A 2 ? B 15 ? 20 1 
1 A DC 3 1_555 B DG 6 1_555 0.126  -0.076 0.138  12.152 -5.069  -1.525 3 A_DC3:DG14_B A 3 ? B 14 ? 19 1 
1 A DG 4 1_555 B DC 5 1_555 -0.478 -0.136 0.007  1.777  3.067   -1.404 4 A_DG4:DC13_B A 4 ? B 13 ? 19 1 
1 A DC 5 1_555 B DG 4 1_555 0.178  -0.117 0.416  2.871  -10.182 -1.985 5 A_DC5:DG12_B A 5 ? B 12 ? 19 1 
1 A DG 6 1_555 B DC 3 1_555 0.388  -0.025 0.123  -6.623 -16.757 1.491  6 A_DG6:DC11_B A 6 ? B 11 ? 19 1 
1 A DT 7 1_555 B DA 2 1_555 -0.322 0.036  0.186  -9.421 -18.946 -1.951 7 A_DT7:DA10_B A 7 ? B 10 ? 20 1 
1 A DA 8 1_555 B DT 1 1_555 0.017  -0.050 -0.004 0.639  -19.423 -0.014 8 A_DA8:DT9_B  A 8 ? B 9  ? 20 1 
# 
loop_
_ndb_struct_na_base_pair_step.model_number 
_ndb_struct_na_base_pair_step.i_label_asym_id_1 
_ndb_struct_na_base_pair_step.i_label_comp_id_1 
_ndb_struct_na_base_pair_step.i_label_seq_id_1 
_ndb_struct_na_base_pair_step.i_symmetry_1 
_ndb_struct_na_base_pair_step.j_label_asym_id_1 
_ndb_struct_na_base_pair_step.j_label_comp_id_1 
_ndb_struct_na_base_pair_step.j_label_seq_id_1 
_ndb_struct_na_base_pair_step.j_symmetry_1 
_ndb_struct_na_base_pair_step.i_label_asym_id_2 
_ndb_struct_na_base_pair_step.i_label_comp_id_2 
_ndb_struct_na_base_pair_step.i_label_seq_id_2 
_ndb_struct_na_base_pair_step.i_symmetry_2 
_ndb_struct_na_base_pair_step.j_label_asym_id_2 
_ndb_struct_na_base_pair_step.j_label_comp_id_2 
_ndb_struct_na_base_pair_step.j_label_seq_id_2 
_ndb_struct_na_base_pair_step.j_symmetry_2 
_ndb_struct_na_base_pair_step.shift 
_ndb_struct_na_base_pair_step.slide 
_ndb_struct_na_base_pair_step.rise 
_ndb_struct_na_base_pair_step.tilt 
_ndb_struct_na_base_pair_step.roll 
_ndb_struct_na_base_pair_step.twist 
_ndb_struct_na_base_pair_step.x_displacement 
_ndb_struct_na_base_pair_step.y_displacement 
_ndb_struct_na_base_pair_step.helical_rise 
_ndb_struct_na_base_pair_step.inclination 
_ndb_struct_na_base_pair_step.tip 
_ndb_struct_na_base_pair_step.helical_twist 
_ndb_struct_na_base_pair_step.step_number 
_ndb_struct_na_base_pair_step.step_name 
_ndb_struct_na_base_pair_step.i_auth_asym_id_1 
_ndb_struct_na_base_pair_step.i_auth_seq_id_1 
_ndb_struct_na_base_pair_step.i_PDB_ins_code_1 
_ndb_struct_na_base_pair_step.j_auth_asym_id_1 
_ndb_struct_na_base_pair_step.j_auth_seq_id_1 
_ndb_struct_na_base_pair_step.j_PDB_ins_code_1 
_ndb_struct_na_base_pair_step.i_auth_asym_id_2 
_ndb_struct_na_base_pair_step.i_auth_seq_id_2 
_ndb_struct_na_base_pair_step.i_PDB_ins_code_2 
_ndb_struct_na_base_pair_step.j_auth_asym_id_2 
_ndb_struct_na_base_pair_step.j_auth_seq_id_2 
_ndb_struct_na_base_pair_step.j_PDB_ins_code_2 
1 A DT 1 1_555 B DA 8 1_555 A DA 2 1_555 B DT 7 1_555 -0.607 0.726  3.734 -21.859 7.064  37.105 0.142  -1.774 3.620 10.014 30.986  
43.426 1 AA_DT1DA2:DT15DA16_BB A 1 ? B 16 ? A 2 ? B 15 ? 
1 A DA 2 1_555 B DT 7 1_555 A DC 3 1_555 B DG 6 1_555 -0.192 -0.361 3.200 2.483   1.019  27.942 -0.979 0.965  3.156 2.104  -5.127  
28.068 2 AA_DA2DC3:DG14DT15_BB A 2 ? B 15 ? A 3 ? B 14 ? 
1 A DC 3 1_555 B DG 6 1_555 A DG 4 1_555 B DC 5 1_555 0.667  -0.329 6.928 2.070   -0.756 11.537 0.588  2.747  6.944 -3.717 -10.175 
11.745 3 AA_DC3DG4:DC13DG14_BB A 3 ? B 14 ? A 4 ? B 13 ? 
1 A DG 4 1_555 B DC 5 1_555 A DC 5 1_555 B DG 4 1_555 -0.801 1.652  3.414 -2.582  3.942  34.573 2.110  0.914  3.623 6.595  4.319   
34.883 4 AA_DG4DC5:DG12DC13_BB A 4 ? B 13 ? A 5 ? B 12 ? 
1 A DC 5 1_555 B DG 4 1_555 A DG 6 1_555 B DC 3 1_555 0.165  0.736  6.899 6.756   5.659  25.065 -1.594 3.457  6.717 12.554 -14.988 
26.546 5 AA_DC5DG6:DC11DG12_BB A 5 ? B 12 ? A 6 ? B 11 ? 
1 A DG 6 1_555 B DC 3 1_555 A DT 7 1_555 B DA 2 1_555 -0.410 -0.528 3.246 0.394   -0.699 29.950 -0.879 0.875  3.252 -1.351 -0.762  
29.961 6 AA_DG6DT7:DA10DC11_BB A 6 ? B 11 ? A 7 ? B 10 ? 
1 A DT 7 1_555 B DA 2 1_555 A DA 8 1_555 B DT 1 1_555 2.100  0.690  3.117 13.044  -0.688 35.069 1.174  -1.443 3.631 -1.096 -20.778 
37.351 7 AA_DT7DA8:DT9DA10_BB  A 7 ? B 10 ? A 8 ? B 9  ? 
# 
_pdbx_nmr_spectrometer.spectrometer_id   1 
_pdbx_nmr_spectrometer.model             AVANCE 
_pdbx_nmr_spectrometer.manufacturer      Bruker 
_pdbx_nmr_spectrometer.field_strength    700 
# 
_atom_sites.entry_id                    4BZV 
_atom_sites.fract_transf_matrix[1][1]   1.000000 
_atom_sites.fract_transf_matrix[1][2]   0.000000 
_atom_sites.fract_transf_matrix[1][3]   0.000000 
_atom_sites.fract_transf_matrix[2][1]   0.000000 
_atom_sites.fract_transf_matrix[2][2]   1.000000 
_atom_sites.fract_transf_matrix[2][3]   0.000000 
_atom_sites.fract_transf_matrix[3][1]   0.000000 
_atom_sites.fract_transf_matrix[3][2]   0.000000 
_atom_sites.fract_transf_matrix[3][3]   1.000000 
_atom_sites.fract_transf_vector[1]      0.00000 
_atom_sites.fract_transf_vector[2]      0.00000 
_atom_sites.fract_transf_vector[3]      0.00000 
# 
loop_
_atom_type.symbol 
C 
H 
N 
O 
P 
# 
loop_
_atom_site.group_PDB 
_atom_site.id 
_atom_site.type_symbol 
_atom_site.label_atom_id 
_atom_site.label_alt_id 
_atom_site.label_comp_id 
_atom_site.label_asym_id 
_atom_site.label_entity_id 
_atom_site.label_seq_id 
_atom_site.pdbx_PDB_ins_code 
_atom_site.Cartn_x 
_atom_site.Cartn_y 
_atom_site.Cartn_z 
_atom_site.occupancy 
_atom_site.B_iso_or_equiv 
_atom_site.pdbx_formal_charge 
_atom_site.auth_seq_id 
_atom_site.auth_comp_id 
_atom_site.auth_asym_id 
_atom_site.auth_atom_id 
_atom_site.pdbx_PDB_model_num 
ATOM   1   O "O5'"  . DT  A 1 1 ? 8.683   1.903   -10.699 1.00 0.00 ? 1  DT  A "O5'"  1 
ATOM   2   C "C5'"  . DT  A 1 1 ? 7.919   2.366   -9.592  1.00 0.00 ? 1  DT  A "C5'"  1 
ATOM   3   C "C4'"  . DT  A 1 1 ? 6.425   2.117   -9.842  1.00 0.00 ? 1  DT  A "C4'"  1 
ATOM   4   O "O4'"  . DT  A 1 1 ? 6.175   0.751   -10.135 1.00 0.00 ? 1  DT  A "O4'"  1 
ATOM   5   C "C3'"  . DT  A 1 1 ? 5.517   2.447   -8.650  1.00 0.00 ? 1  DT  A "C3'"  1 
ATOM   6   O "O3'"  . DT  A 1 1 ? 5.080   3.796   -8.722  1.00 0.00 ? 1  DT  A "O3'"  1 
ATOM   7   C "C2'"  . DT  A 1 1 ? 4.368   1.446   -8.819  1.00 0.00 ? 1  DT  A "C2'"  1 
ATOM   8   C "C1'"  . DT  A 1 1 ? 4.778   0.562   -10.004 1.00 0.00 ? 1  DT  A "C1'"  1 
ATOM   9   N N1     . DT  A 1 1 ? 4.439   -0.876  -9.806  1.00 0.00 ? 1  DT  A N1     1 
ATOM   10  C C2     . DT  A 1 1 ? 3.465   -1.457  -10.633 1.00 0.00 ? 1  DT  A C2     1 
ATOM   11  O O2     . DT  A 1 1 ? 2.928   -0.876  -11.579 1.00 0.00 ? 1  DT  A O2     1 
ATOM   12  N N3     . DT  A 1 1 ? 3.127   -2.765  -10.368 1.00 0.00 ? 1  DT  A N3     1 
ATOM   13  C C4     . DT  A 1 1 ? 3.732   -3.577  -9.438  1.00 0.00 ? 1  DT  A C4     1 
ATOM   14  O O4     . DT  A 1 1 ? 3.398   -4.757  -9.388  1.00 0.00 ? 1  DT  A O4     1 
ATOM   15  C C5     . DT  A 1 1 ? 4.744   -2.920  -8.610  1.00 0.00 ? 1  DT  A C5     1 
ATOM   16  C C7     . DT  A 1 1 ? 5.460   -3.699  -7.520  1.00 0.00 ? 1  DT  A C7     1 
ATOM   17  C C6     . DT  A 1 1 ? 5.056   -1.611  -8.811  1.00 0.00 ? 1  DT  A C6     1 
ATOM   18  H "H5'"  . DT  A 1 1 ? 8.088   3.435   -9.446  1.00 0.00 ? 1  DT  A "H5'"  1 
ATOM   19  H "H5''" . DT  A 1 1 ? 8.228   1.835   -8.688  1.00 0.00 ? 1  DT  A "H5''" 1 
ATOM   20  H "H4'"  . DT  A 1 1 ? 6.112   2.731   -10.692 1.00 0.00 ? 1  DT  A "H4'"  1 
ATOM   21  H "H3'"  . DT  A 1 1 ? 6.049   2.256   -7.714  1.00 0.00 ? 1  DT  A "H3'"  1 
ATOM   22  H "H2'"  . DT  A 1 1 ? 4.264   0.863   -7.904  1.00 0.00 ? 1  DT  A "H2'"  1 
ATOM   23  H "H2''" . DT  A 1 1 ? 3.428   1.946   -9.049  1.00 0.00 ? 1  DT  A "H2''" 1 
ATOM   24  H "H1'"  . DT  A 1 1 ? 4.292   0.938   -10.909 1.00 0.00 ? 1  DT  A "H1'"  1 
ATOM   25  H H3     . DT  A 1 1 ? 2.339   -3.156  -10.859 1.00 0.00 ? 1  DT  A H3     1 
ATOM   26  H H71    . DT  A 1 1 ? 5.986   -4.545  -7.967  1.00 0.00 ? 1  DT  A H71    1 
ATOM   27  H H72    . DT  A 1 1 ? 6.175   -3.073  -6.986  1.00 0.00 ? 1  DT  A H72    1 
ATOM   28  H H73    . DT  A 1 1 ? 4.726   -4.092  -6.815  1.00 0.00 ? 1  DT  A H73    1 
ATOM   29  H H6     . DT  A 1 1 ? 5.811   -1.134  -8.201  1.00 0.00 ? 1  DT  A H6     1 
ATOM   30  H "HO5'" . DT  A 1 1 ? 8.372   1.009   -10.899 1.00 0.00 ? 1  DT  A "HO5'" 1 
ATOM   31  P P      . DA  A 1 2 ? 4.254   4.513   -7.553  1.00 0.00 ? 2  DA  A P      1 
ATOM   32  O OP1    . DA  A 1 2 ? 4.392   5.968   -7.751  1.00 0.00 ? 2  DA  A OP1    1 
ATOM   33  O OP2    . DA  A 1 2 ? 4.709   4.001   -6.244  1.00 0.00 ? 2  DA  A OP2    1 
ATOM   34  O "O5'"  . DA  A 1 2 ? 2.717   4.130   -7.755  1.00 0.00 ? 2  DA  A "O5'"  1 
ATOM   35  C "C5'"  . DA  A 1 2 ? 1.975   4.685   -8.835  1.00 0.00 ? 2  DA  A "C5'"  1 
ATOM   36  C "C4'"  . DA  A 1 2 ? 0.471   4.378   -8.782  1.00 0.00 ? 2  DA  A "C4'"  1 
ATOM   37  O "O4'"  . DA  A 1 2 ? 0.237   2.983   -8.924  1.00 0.00 ? 2  DA  A "O4'"  1 
ATOM   38  C "C3'"  . DA  A 1 2 ? -0.199  4.848   -7.485  1.00 0.00 ? 2  DA  A "C3'"  1 
ATOM   39  O "O3'"  . DA  A 1 2 ? -1.459  5.419   -7.808  1.00 0.00 ? 2  DA  A "O3'"  1 
ATOM   40  C "C2'"  . DA  A 1 2 ? -0.329  3.557   -6.686  1.00 0.00 ? 2  DA  A "C2'"  1 
ATOM   41  C "C1'"  . DA  A 1 2 ? -0.416  2.478   -7.769  1.00 0.00 ? 2  DA  A "C1'"  1 
ATOM   42  N N9     . DA  A 1 2 ? 0.242   1.202   -7.394  1.00 0.00 ? 2  DA  A N9     1 
ATOM   43  C C8     . DA  A 1 2 ? 1.523   1.005   -6.936  1.00 0.00 ? 2  DA  A C8     1 
ATOM   44  N N7     . DA  A 1 2 ? 1.860   -0.252  -6.795  1.00 0.00 ? 2  DA  A N7     1 
ATOM   45  C C5     . DA  A 1 2 ? 0.688   -0.934  -7.169  1.00 0.00 ? 2  DA  A C5     1 
ATOM   46  C C6     . DA  A 1 2 ? 0.311   -2.296  -7.273  1.00 0.00 ? 2  DA  A C6     1 
ATOM   47  N N6     . DA  A 1 2 ? 1.118   -3.307  -7.020  1.00 0.00 ? 2  DA  A N6     1 
ATOM   48  N N1     . DA  A 1 2 ? -0.920  -2.650  -7.659  1.00 0.00 ? 2  DA  A N1     1 
ATOM   49  C C2     . DA  A 1 2 ? -1.780  -1.677  -7.917  1.00 0.00 ? 2  DA  A C2     1 
ATOM   50  N N3     . DA  A 1 2 ? -1.571  -0.368  -7.910  1.00 0.00 ? 2  DA  A N3     1 
ATOM   51  C C4     . DA  A 1 2 ? -0.304  -0.056  -7.516  1.00 0.00 ? 2  DA  A C4     1 
ATOM   52  H "H5'"  . DA  A 1 2 ? 2.378   4.311   -9.776  1.00 0.00 ? 2  DA  A "H5'"  1 
ATOM   53  H "H5''" . DA  A 1 2 ? 2.090   5.770   -8.827  1.00 0.00 ? 2  DA  A "H5''" 1 
ATOM   54  H "H4'"  . DA  A 1 2 ? 0.001   4.898   -9.616  1.00 0.00 ? 2  DA  A "H4'"  1 
ATOM   55  H "H3'"  . DA  A 1 2 ? 0.431   5.573   -6.962  1.00 0.00 ? 2  DA  A "H3'"  1 
ATOM   56  H "H2'"  . DA  A 1 2 ? 0.558   3.427   -6.066  1.00 0.00 ? 2  DA  A "H2'"  1 
ATOM   57  H "H2''" . DA  A 1 2 ? -1.225  3.566   -6.068  1.00 0.00 ? 2  DA  A "H2''" 1 
ATOM   58  H "H1'"  . DA  A 1 2 ? -1.469  2.293   -8.000  1.00 0.00 ? 2  DA  A "H1'"  1 
ATOM   59  H H8     . DA  A 1 2 ? 2.203   1.827   -6.744  1.00 0.00 ? 2  DA  A H8     1 
ATOM   60  H H61    . DA  A 1 2 ? 0.767   -4.255  -7.074  1.00 0.00 ? 2  DA  A H61    1 
ATOM   61  H H62    . DA  A 1 2 ? 2.039   -3.115  -6.671  1.00 0.00 ? 2  DA  A H62    1 
ATOM   62  H H2     . DA  A 1 2 ? -2.775  -1.991  -8.201  1.00 0.00 ? 2  DA  A H2     1 
ATOM   63  P P      . DC  A 1 3 ? -2.310  6.304   -6.780  1.00 0.00 ? 3  DC  A P      1 
ATOM   64  O OP1    . DC  A 1 3 ? -2.972  7.345   -7.591  1.00 0.00 ? 3  DC  A OP1    1 
ATOM   65  O OP2    . DC  A 1 3 ? -1.468  6.729   -5.642  1.00 0.00 ? 3  DC  A OP2    1 
ATOM   66  O "O5'"  . DC  A 1 3 ? -3.405  5.308   -6.181  1.00 0.00 ? 3  DC  A "O5'"  1 
ATOM   67  C "C5'"  . DC  A 1 3 ? -4.507  4.852   -6.958  1.00 0.00 ? 3  DC  A "C5'"  1 
ATOM   68  C "C4'"  . DC  A 1 3 ? -5.142  3.591   -6.354  1.00 0.00 ? 3  DC  A "C4'"  1 
ATOM   69  O "O4'"  . DC  A 1 3 ? -4.176  2.548   -6.335  1.00 0.00 ? 3  DC  A "O4'"  1 
ATOM   70  C "C3'"  . DC  A 1 3 ? -5.658  3.765   -4.915  1.00 0.00 ? 3  DC  A "C3'"  1 
ATOM   71  O "O3'"  . DC  A 1 3 ? -7.087  3.778   -4.866  1.00 0.00 ? 3  DC  A "O3'"  1 
ATOM   72  C "C2'"  . DC  A 1 3 ? -5.063  2.553   -4.185  1.00 0.00 ? 3  DC  A "C2'"  1 
ATOM   73  C "C1'"  . DC  A 1 3 ? -4.518  1.654   -5.300  1.00 0.00 ? 3  DC  A "C1'"  1 
ATOM   74  N N1     . DC  A 1 3 ? -3.327  0.836   -4.917  1.00 0.00 ? 3  DC  A N1     1 
ATOM   75  C C2     . DC  A 1 3 ? -3.365  -0.557  -5.076  1.00 0.00 ? 3  DC  A C2     1 
ATOM   76  O O2     . DC  A 1 3 ? -4.353  -1.135  -5.531  1.00 0.00 ? 3  DC  A O2     1 
ATOM   77  N N3     . DC  A 1 3 ? -2.307  -1.324  -4.713  1.00 0.00 ? 3  DC  A N3     1 
ATOM   78  C C4     . DC  A 1 3 ? -1.233  -0.732  -4.239  1.00 0.00 ? 3  DC  A C4     1 
ATOM   79  N N4     . DC  A 1 3 ? -0.237  -1.507  -3.919  1.00 0.00 ? 3  DC  A N4     1 
ATOM   80  C C5     . DC  A 1 3 ? -1.119  0.675   -4.078  1.00 0.00 ? 3  DC  A C5     1 
ATOM   81  C C6     . DC  A 1 3 ? -2.194  1.429   -4.416  1.00 0.00 ? 3  DC  A C6     1 
ATOM   82  H "H5'"  . DC  A 1 3 ? -4.167  4.605   -7.964  1.00 0.00 ? 3  DC  A "H5'"  1 
ATOM   83  H "H5''" . DC  A 1 3 ? -5.255  5.643   -7.030  1.00 0.00 ? 3  DC  A "H5''" 1 
ATOM   84  H "H4'"  . DC  A 1 3 ? -5.979  3.281   -6.982  1.00 0.00 ? 3  DC  A "H4'"  1 
ATOM   85  H "H3'"  . DC  A 1 3 ? -5.253  4.685   -4.490  1.00 0.00 ? 3  DC  A "H3'"  1 
ATOM   86  H "H2'"  . DC  A 1 3 ? -4.271  2.894   -3.519  1.00 0.00 ? 3  DC  A "H2'"  1 
ATOM   87  H "H2''" . DC  A 1 3 ? -5.812  2.016   -3.609  1.00 0.00 ? 3  DC  A "H2''" 1 
ATOM   88  H "H1'"  . DC  A 1 3 ? -5.324  1.001   -5.651  1.00 0.00 ? 3  DC  A "H1'"  1 
ATOM   89  H H41    . DC  A 1 3 ? -0.349  -2.511  -4.047  1.00 0.00 ? 3  DC  A H41    1 
ATOM   90  H H42    . DC  A 1 3 ? 0.624   -1.116  -3.597  1.00 0.00 ? 3  DC  A H42    1 
ATOM   91  H H5     . DC  A 1 3 ? -0.231  1.141   -3.683  1.00 0.00 ? 3  DC  A H5     1 
ATOM   92  H H6     . DC  A 1 3 ? -2.170  2.507   -4.303  1.00 0.00 ? 3  DC  A H6     1 
ATOM   93  P P      . DG  A 1 4 ? -7.882  4.374   -3.597  1.00 0.00 ? 4  DG  A P      1 
ATOM   94  O OP1    . DG  A 1 4 ? -9.327  4.399   -3.926  1.00 0.00 ? 4  DG  A OP1    1 
ATOM   95  O OP2    . DG  A 1 4 ? -7.240  5.656   -3.233  1.00 0.00 ? 4  DG  A OP2    1 
ATOM   96  O "O5'"  . DG  A 1 4 ? -7.693  3.298   -2.433  1.00 0.00 ? 4  DG  A "O5'"  1 
ATOM   97  C "C5'"  . DG  A 1 4 ? -8.399  2.057   -2.458  1.00 0.00 ? 4  DG  A "C5'"  1 
ATOM   98  C "C4'"  . DG  A 1 4 ? -8.495  1.397   -1.077  1.00 0.00 ? 4  DG  A "C4'"  1 
ATOM   99  O "O4'"  . DG  A 1 4 ? -7.308  0.709   -0.718  1.00 0.00 ? 4  DG  A "O4'"  1 
ATOM   100 C "C3'"  . DG  A 1 4 ? -8.795  2.396   0.056   1.00 0.00 ? 4  DG  A "C3'"  1 
ATOM   101 O "O3'"  . DG  A 1 4 ? -10.051 2.136   0.670   1.00 0.00 ? 4  DG  A "O3'"  1 
ATOM   102 C "C2'"  . DG  A 1 4 ? -7.630  2.145   1.007   1.00 0.00 ? 4  DG  A "C2'"  1 
ATOM   103 C "C1'"  . DG  A 1 4 ? -7.272  0.691   0.694   1.00 0.00 ? 4  DG  A "C1'"  1 
ATOM   104 N N9     . DG  A 1 4 ? -5.957  0.199   1.191   1.00 0.00 ? 4  DG  A N9     1 
ATOM   105 C C8     . DG  A 1 4 ? -4.849  0.907   1.601   1.00 0.00 ? 4  DG  A C8     1 
ATOM   106 N N7     . DG  A 1 4 ? -3.834  0.170   1.973   1.00 0.00 ? 4  DG  A N7     1 
ATOM   107 C C5     . DG  A 1 4 ? -4.298  -1.138  1.766   1.00 0.00 ? 4  DG  A C5     1 
ATOM   108 C C6     . DG  A 1 4 ? -3.636  -2.408  1.900   1.00 0.00 ? 4  DG  A C6     1 
ATOM   109 O O6     . DG  A 1 4 ? -2.465  -2.633  2.216   1.00 0.00 ? 4  DG  A O6     1 
ATOM   110 N N1     . DG  A 1 4 ? -4.444  -3.488  1.618   1.00 0.00 ? 4  DG  A N1     1 
ATOM   111 C C2     . DG  A 1 4 ? -5.740  -3.374  1.243   1.00 0.00 ? 4  DG  A C2     1 
ATOM   112 N N2     . DG  A 1 4 ? -6.397  -4.483  1.057   1.00 0.00 ? 4  DG  A N2     1 
ATOM   113 N N3     . DG  A 1 4 ? -6.385  -2.223  1.066   1.00 0.00 ? 4  DG  A N3     1 
ATOM   114 C C4     . DG  A 1 4 ? -5.606  -1.130  1.333   1.00 0.00 ? 4  DG  A C4     1 
ATOM   115 H "H5'"  . DG  A 1 4 ? -7.923  1.370   -3.155  1.00 0.00 ? 4  DG  A "H5'"  1 
ATOM   116 H "H5''" . DG  A 1 4 ? -9.416  2.216   -2.809  1.00 0.00 ? 4  DG  A "H5''" 1 
ATOM   117 H "H4'"  . DG  A 1 4 ? -9.306  0.665   -1.108  1.00 0.00 ? 4  DG  A "H4'"  1 
ATOM   118 H "H3'"  . DG  A 1 4 ? -8.762  3.433   -0.287  1.00 0.00 ? 4  DG  A "H3'"  1 
ATOM   119 H "H2'"  . DG  A 1 4 ? -6.806  2.806   0.738   1.00 0.00 ? 4  DG  A "H2'"  1 
ATOM   120 H "H2''" . DG  A 1 4 ? -7.925  2.304   2.036   1.00 0.00 ? 4  DG  A "H2''" 1 
ATOM   121 H "H1'"  . DG  A 1 4 ? -8.061  0.031   1.069   1.00 0.00 ? 4  DG  A "H1'"  1 
ATOM   122 H H8     . DG  A 1 4 ? -4.815  1.988   1.594   1.00 0.00 ? 4  DG  A H8     1 
ATOM   123 H H1     . DG  A 1 4 ? -4.040  -4.410  1.700   1.00 0.00 ? 4  DG  A H1     1 
ATOM   124 H H21    . DG  A 1 4 ? -5.931  -5.383  1.158   1.00 0.00 ? 4  DG  A H21    1 
ATOM   125 H H22    . DG  A 1 4 ? -7.362  -4.403  0.804   1.00 0.00 ? 4  DG  A H22    1 
ATOM   126 P P      . DC  A 1 5 ? -11.403 2.600   -0.066  1.00 0.00 ? 5  DC  A P      1 
ATOM   127 O OP1    . DC  A 1 5 ? -11.473 1.907   -1.366  1.00 0.00 ? 5  DC  A OP1    1 
ATOM   128 O OP2    . DC  A 1 5 ? -11.332 4.066   -0.199  1.00 0.00 ? 5  DC  A OP2    1 
ATOM   129 O "O5'"  . DC  A 1 5 ? -12.679 2.204   0.847   1.00 0.00 ? 5  DC  A "O5'"  1 
ATOM   130 C "C5'"  . DC  A 1 5 ? -13.396 0.976   0.680   1.00 0.00 ? 5  DC  A "C5'"  1 
ATOM   131 C "C4'"  . DC  A 1 5 ? -13.071 -0.130  1.700   1.00 0.00 ? 5  DC  A "C4'"  1 
ATOM   132 O "O4'"  . DC  A 1 5 ? -11.670 -0.342  1.799   1.00 0.00 ? 5  DC  A "O4'"  1 
ATOM   133 C "C3'"  . DC  A 1 5 ? -13.589 0.122   3.127   1.00 0.00 ? 5  DC  A "C3'"  1 
ATOM   134 O "O3'"  . DC  A 1 5 ? -14.832 -0.547  3.348   1.00 0.00 ? 5  DC  A "O3'"  1 
ATOM   135 C "C2'"  . DC  A 1 5 ? -12.479 -0.481  3.995   1.00 0.00 ? 5  DC  A "C2'"  1 
ATOM   136 C "C1'"  . DC  A 1 5 ? -11.406 -0.988  3.024   1.00 0.00 ? 5  DC  A "C1'"  1 
ATOM   137 N N1     . DC  A 1 5 ? -10.022 -0.675  3.478   1.00 0.00 ? 5  DC  A N1     1 
ATOM   138 C C2     . DC  A 1 5 ? -9.136  -1.716  3.789   1.00 0.00 ? 5  DC  A C2     1 
ATOM   139 O O2     . DC  A 1 5 ? -9.459  -2.897  3.690   1.00 0.00 ? 5  DC  A O2     1 
ATOM   140 N N3     . DC  A 1 5 ? -7.883  -1.446  4.230   1.00 0.00 ? 5  DC  A N3     1 
ATOM   141 C C4     . DC  A 1 5 ? -7.532  -0.194  4.391   1.00 0.00 ? 5  DC  A C4     1 
ATOM   142 N N4     . DC  A 1 5 ? -6.295  0.011   4.738   1.00 0.00 ? 5  DC  A N4     1 
ATOM   143 C C5     . DC  A 1 5 ? -8.390  0.908   4.131   1.00 0.00 ? 5  DC  A C5     1 
ATOM   144 C C6     . DC  A 1 5 ? -9.626  0.629   3.644   1.00 0.00 ? 5  DC  A C6     1 
ATOM   145 H "H5'"  . DC  A 1 5 ? -13.233 0.581   -0.323  1.00 0.00 ? 5  DC  A "H5'"  1 
ATOM   146 H "H5''" . DC  A 1 5 ? -14.461 1.194   0.767   1.00 0.00 ? 5  DC  A "H5''" 1 
ATOM   147 H "H4'"  . DC  A 1 5 ? -13.533 -1.055  1.352   1.00 0.00 ? 5  DC  A "H4'"  1 
ATOM   148 H "H3'"  . DC  A 1 5 ? -13.680 1.197   3.302   1.00 0.00 ? 5  DC  A "H3'"  1 
ATOM   149 H "H2'"  . DC  A 1 5 ? -12.097 0.288   4.664   1.00 0.00 ? 5  DC  A "H2'"  1 
ATOM   150 H "H2''" . DC  A 1 5 ? -12.844 -1.328  4.574   1.00 0.00 ? 5  DC  A "H2''" 1 
ATOM   151 H "H1'"  . DC  A 1 5 ? -11.528 -2.068  2.893   1.00 0.00 ? 5  DC  A "H1'"  1 
ATOM   152 H H41    . DC  A 1 5 ? -5.715  -0.816  4.840   1.00 0.00 ? 5  DC  A H41    1 
ATOM   153 H H42    . DC  A 1 5 ? -5.944  0.941   4.789   1.00 0.00 ? 5  DC  A H42    1 
ATOM   154 H H5     . DC  A 1 5 ? -8.081  1.930   4.268   1.00 0.00 ? 5  DC  A H5     1 
ATOM   155 H H6     . DC  A 1 5 ? -10.315 1.421   3.359   1.00 0.00 ? 5  DC  A H6     1 
ATOM   156 P P      . DG  A 1 6 ? -15.748 -0.296  4.652   1.00 0.00 ? 6  DG  A P      1 
ATOM   157 O OP1    . DG  A 1 6 ? -16.982 -1.115  4.514   1.00 0.00 ? 6  DG  A OP1    1 
ATOM   158 O OP2    . DG  A 1 6 ? -15.890 1.154   4.891   1.00 0.00 ? 6  DG  A OP2    1 
ATOM   159 O "O5'"  . DG  A 1 6 ? -14.923 -0.925  5.876   1.00 0.00 ? 6  DG  A "O5'"  1 
ATOM   160 C "C5'"  . DG  A 1 6 ? -15.518 -1.149  7.145   1.00 0.00 ? 6  DG  A "C5'"  1 
ATOM   161 C "C4'"  . DG  A 1 6 ? -15.086 -2.525  7.673   1.00 0.00 ? 6  DG  A "C4'"  1 
ATOM   162 O "O4'"  . DG  A 1 6 ? -13.732 -2.526  8.116   1.00 0.00 ? 6  DG  A "O4'"  1 
ATOM   163 C "C3'"  . DG  A 1 6 ? -15.929 -2.982  8.870   1.00 0.00 ? 6  DG  A "C3'"  1 
ATOM   164 O "O3'"  . DG  A 1 6 ? -16.000 -4.400  8.801   1.00 0.00 ? 6  DG  A "O3'"  1 
ATOM   165 C "C2'"  . DG  A 1 6 ? -15.116 -2.439  10.045  1.00 0.00 ? 6  DG  A "C2'"  1 
ATOM   166 C "C1'"  . DG  A 1 6 ? -13.687 -2.608  9.534   1.00 0.00 ? 6  DG  A "C1'"  1 
ATOM   167 N N9     . DG  A 1 6 ? -12.703 -1.616  10.029  1.00 0.00 ? 6  DG  A N9     1 
ATOM   168 C C8     . DG  A 1 6 ? -12.775 -0.243  10.066  1.00 0.00 ? 6  DG  A C8     1 
ATOM   169 N N7     . DG  A 1 6 ? -11.649 0.342   10.387  1.00 0.00 ? 6  DG  A N7     1 
ATOM   170 C C5     . DG  A 1 6 ? -10.763 -0.723  10.602  1.00 0.00 ? 6  DG  A C5     1 
ATOM   171 C C6     . DG  A 1 6 ? -9.353  -0.779  10.919  1.00 0.00 ? 6  DG  A C6     1 
ATOM   172 O O6     . DG  A 1 6 ? -8.518  0.114   11.054  1.00 0.00 ? 6  DG  A O6     1 
ATOM   173 N N1     . DG  A 1 6 ? -8.874  -2.064  11.041  1.00 0.00 ? 6  DG  A N1     1 
ATOM   174 C C2     . DG  A 1 6 ? -9.607  -3.166  10.786  1.00 0.00 ? 6  DG  A C2     1 
ATOM   175 N N2     . DG  A 1 6 ? -8.971  -4.298  10.751  1.00 0.00 ? 6  DG  A N2     1 
ATOM   176 N N3     . DG  A 1 6 ? -10.887 -3.177  10.461  1.00 0.00 ? 6  DG  A N3     1 
ATOM   177 C C4     . DG  A 1 6 ? -11.417 -1.921  10.399  1.00 0.00 ? 6  DG  A C4     1 
ATOM   178 H "H5'"  . DG  A 1 6 ? -16.606 -1.139  7.051   1.00 0.00 ? 6  DG  A "H5'"  1 
ATOM   179 H "H5''" . DG  A 1 6 ? -15.220 -0.364  7.838   1.00 0.00 ? 6  DG  A "H5''" 1 
ATOM   180 H "H4'"  . DG  A 1 6 ? -15.189 -3.242  6.860   1.00 0.00 ? 6  DG  A "H4'"  1 
ATOM   181 H "H3'"  . DG  A 1 6 ? -16.932 -2.551  8.850   1.00 0.00 ? 6  DG  A "H3'"  1 
ATOM   182 H "H2'"  . DG  A 1 6 ? -15.357 -1.388  10.205  1.00 0.00 ? 6  DG  A "H2'"  1 
ATOM   183 H "H2''" . DG  A 1 6 ? -15.286 -3.008  10.959  1.00 0.00 ? 6  DG  A "H2''" 1 
ATOM   184 H "H1'"  . DG  A 1 6 ? -13.350 -3.610  9.823   1.00 0.00 ? 6  DG  A "H1'"  1 
ATOM   185 H H8     . DG  A 1 6 ? -13.671 0.306   9.811   1.00 0.00 ? 6  DG  A H8     1 
ATOM   186 H H1     . DG  A 1 6 ? -7.906  -2.179  11.288  1.00 0.00 ? 6  DG  A H1     1 
ATOM   187 H H21    . DG  A 1 6 ? -7.958  -4.269  10.786  1.00 0.00 ? 6  DG  A H21    1 
ATOM   188 H H22    . DG  A 1 6 ? -9.489  -5.046  10.304  1.00 0.00 ? 6  DG  A H22    1 
ATOM   189 P P      . DT  A 1 7 ? -16.812 -5.297  9.850   1.00 0.00 ? 7  DT  A P      1 
ATOM   190 O OP1    . DT  A 1 7 ? -17.219 -6.481  9.054   1.00 0.00 ? 7  DT  A OP1    1 
ATOM   191 O OP2    . DT  A 1 7 ? -17.829 -4.446  10.491  1.00 0.00 ? 7  DT  A OP2    1 
ATOM   192 O "O5'"  . DT  A 1 7 ? -15.679 -5.704  10.900  1.00 0.00 ? 7  DT  A "O5'"  1 
ATOM   193 C "C5'"  . DT  A 1 7 ? -14.678 -6.636  10.529  1.00 0.00 ? 7  DT  A "C5'"  1 
ATOM   194 C "C4'"  . DT  A 1 7 ? -13.627 -6.893  11.614  1.00 0.00 ? 7  DT  A "C4'"  1 
ATOM   195 O "O4'"  . DT  A 1 7 ? -12.843 -5.730  11.844  1.00 0.00 ? 7  DT  A "O4'"  1 
ATOM   196 C "C3'"  . DT  A 1 7 ? -14.224 -7.339  12.962  1.00 0.00 ? 7  DT  A "C3'"  1 
ATOM   197 O "O3'"  . DT  A 1 7 ? -13.536 -8.521  13.381  1.00 0.00 ? 7  DT  A "O3'"  1 
ATOM   198 C "C2'"  . DT  A 1 7 ? -13.945 -6.110  13.832  1.00 0.00 ? 7  DT  A "C2'"  1 
ATOM   199 C "C1'"  . DT  A 1 7 ? -12.617 -5.649  13.235  1.00 0.00 ? 7  DT  A "C1'"  1 
ATOM   200 N N1     . DT  A 1 7 ? -12.154 -4.280  13.593  1.00 0.00 ? 7  DT  A N1     1 
ATOM   201 C C2     . DT  A 1 7 ? -10.790 -4.109  13.872  1.00 0.00 ? 7  DT  A C2     1 
ATOM   202 O O2     . DT  A 1 7 ? -9.961  -5.025  13.857  1.00 0.00 ? 7  DT  A O2     1 
ATOM   203 N N3     . DT  A 1 7 ? -10.360 -2.827  14.115  1.00 0.00 ? 7  DT  A N3     1 
ATOM   204 C C4     . DT  A 1 7 ? -11.132 -1.696  14.045  1.00 0.00 ? 7  DT  A C4     1 
ATOM   205 O O4     . DT  A 1 7 ? -10.581 -0.611  14.195  1.00 0.00 ? 7  DT  A O4     1 
ATOM   206 C C5     . DT  A 1 7 ? -12.547 -1.931  13.765  1.00 0.00 ? 7  DT  A C5     1 
ATOM   207 C C7     . DT  A 1 7 ? -13.509 -0.759  13.683  1.00 0.00 ? 7  DT  A C7     1 
ATOM   208 C C6     . DT  A 1 7 ? -13.008 -3.193  13.549  1.00 0.00 ? 7  DT  A C6     1 
ATOM   209 H "H5'"  . DT  A 1 7 ? -14.166 -6.278  9.634   1.00 0.00 ? 7  DT  A "H5'"  1 
ATOM   210 H "H5''" . DT  A 1 7 ? -15.164 -7.582  10.289  1.00 0.00 ? 7  DT  A "H5''" 1 
ATOM   211 H "H4'"  . DT  A 1 7 ? -12.960 -7.677  11.254  1.00 0.00 ? 7  DT  A "H4'"  1 
ATOM   212 H "H3'"  . DT  A 1 7 ? -15.298 -7.523  12.882  1.00 0.00 ? 7  DT  A "H3'"  1 
ATOM   213 H "H2'"  . DT  A 1 7 ? -14.734 -5.376  13.666  1.00 0.00 ? 7  DT  A "H2'"  1 
ATOM   214 H "H2''" . DT  A 1 7 ? -13.859 -6.334  14.892  1.00 0.00 ? 7  DT  A "H2''" 1 
ATOM   215 H "H1'"  . DT  A 1 7 ? -11.861 -6.383  13.522  1.00 0.00 ? 7  DT  A "H1'"  1 
ATOM   216 H H3     . DT  A 1 7 ? -9.386  -2.688  14.344  1.00 0.00 ? 7  DT  A H3     1 
ATOM   217 H H71    . DT  A 1 7 ? -13.135 -0.037  12.956  1.00 0.00 ? 7  DT  A H71    1 
ATOM   218 H H72    . DT  A 1 7 ? -14.508 -1.083  13.393  1.00 0.00 ? 7  DT  A H72    1 
ATOM   219 H H73    . DT  A 1 7 ? -13.554 -0.267  14.654  1.00 0.00 ? 7  DT  A H73    1 
ATOM   220 H H6     . DT  A 1 7 ? -14.049 -3.346  13.301  1.00 0.00 ? 7  DT  A H6     1 
ATOM   221 P P      . DA  A 1 8 ? -13.895 -9.318  14.729  1.00 0.00 ? 8  DA  A P      1 
ATOM   222 O OP1    . DA  A 1 8 ? -13.203 -10.623 14.685  1.00 0.00 ? 8  DA  A OP1    1 
ATOM   223 O OP2    . DA  A 1 8 ? -15.353 -9.279  14.949  1.00 0.00 ? 8  DA  A OP2    1 
ATOM   224 O "O5'"  . DA  A 1 8 ? -13.209 -8.478  15.891  1.00 0.00 ? 8  DA  A "O5'"  1 
ATOM   225 C "C5'"  . DA  A 1 8 ? -11.803 -8.498  16.086  1.00 0.00 ? 8  DA  A "C5'"  1 
ATOM   226 C "C4'"  . DA  A 1 8 ? -11.392 -7.593  17.250  1.00 0.00 ? 8  DA  A "C4'"  1 
ATOM   227 O "O4'"  . DA  A 1 8 ? -11.551 -6.222  16.923  1.00 0.00 ? 8  DA  A "O4'"  1 
ATOM   228 C "C3'"  . DA  A 1 8 ? -12.210 -7.833  18.536  1.00 0.00 ? 8  DA  A "C3'"  1 
ATOM   229 O "O3'"  . DA  A 1 8 ? -11.451 -8.484  19.545  1.00 0.00 ? 8  DA  A "O3'"  1 
ATOM   230 C "C2'"  . DA  A 1 8 ? -12.586 -6.417  18.974  1.00 0.00 ? 8  DA  A "C2'"  1 
ATOM   231 C "C1'"  . DA  A 1 8 ? -11.630 -5.546  18.158  1.00 0.00 ? 8  DA  A "C1'"  1 
ATOM   232 N N9     . DA  A 1 8 ? -12.036 -4.129  17.987  1.00 0.00 ? 8  DA  A N9     1 
ATOM   233 C C8     . DA  A 1 8 ? -13.256 -3.524  18.197  1.00 0.00 ? 8  DA  A C8     1 
ATOM   234 N N7     . DA  A 1 8 ? -13.241 -2.221  18.089  1.00 0.00 ? 8  DA  A N7     1 
ATOM   235 C C5     . DA  A 1 8 ? -11.902 -1.951  17.764  1.00 0.00 ? 8  DA  A C5     1 
ATOM   236 C C6     . DA  A 1 8 ? -11.151 -0.777  17.525  1.00 0.00 ? 8  DA  A C6     1 
ATOM   237 N N6     . DA  A 1 8 ? -11.646 0.445   17.500  1.00 0.00 ? 8  DA  A N6     1 
ATOM   238 N N1     . DA  A 1 8 ? -9.830  -0.830  17.378  1.00 0.00 ? 8  DA  A N1     1 
ATOM   239 C C2     . DA  A 1 8 ? -9.245  -2.020  17.353  1.00 0.00 ? 8  DA  A C2     1 
ATOM   240 N N3     . DA  A 1 8 ? -9.821  -3.207  17.502  1.00 0.00 ? 8  DA  A N3     1 
ATOM   241 C C4     . DA  A 1 8 ? -11.161 -3.101  17.720  1.00 0.00 ? 8  DA  A C4     1 
ATOM   242 H "H5'"  . DA  A 1 8 ? -11.299 -8.160  15.181  1.00 0.00 ? 8  DA  A "H5'"  1 
ATOM   243 H "H5''" . DA  A 1 8 ? -11.480 -9.516  16.307  1.00 0.00 ? 8  DA  A "H5''" 1 
ATOM   244 H "H4'"  . DA  A 1 8 ? -10.338 -7.772  17.470  1.00 0.00 ? 8  DA  A "H4'"  1 
ATOM   245 H "H3'"  . DA  A 1 8 ? -13.116 -8.403  18.321  1.00 0.00 ? 8  DA  A "H3'"  1 
ATOM   246 H "HO3'" . DA  A 1 8 ? -11.255 -9.399  19.233  1.00 0.00 ? 8  DA  A "HO3'" 1 
ATOM   247 H "H2'"  . DA  A 1 8 ? -13.620 -6.229  18.684  1.00 0.00 ? 8  DA  A "H2'"  1 
ATOM   248 H "H2''" . DA  A 1 8 ? -12.450 -6.260  20.043  1.00 0.00 ? 8  DA  A "H2''" 1 
ATOM   249 H "H1'"  . DA  A 1 8 ? -10.642 -5.560  18.632  1.00 0.00 ? 8  DA  A "H1'"  1 
ATOM   250 H H8     . DA  A 1 8 ? -14.155 -4.074  18.441  1.00 0.00 ? 8  DA  A H8     1 
ATOM   251 H H61    . DA  A 1 8 ? -11.038 1.204   17.203  1.00 0.00 ? 8  DA  A H61    1 
ATOM   252 H H62    . DA  A 1 8 ? -12.640 0.570   17.555  1.00 0.00 ? 8  DA  A H62    1 
ATOM   253 H H2     . DA  A 1 8 ? -8.171  -2.022  17.216  1.00 0.00 ? 8  DA  A H2     1 
ATOM   254 O "O5'"  . DT  B 1 1 ? -3.169  2.237   20.878  1.00 0.00 ? 9  DT  B "O5'"  1 
ATOM   255 C "C5'"  . DT  B 1 1 ? -2.506  2.876   19.798  1.00 0.00 ? 9  DT  B "C5'"  1 
ATOM   256 C "C4'"  . DT  B 1 1 ? -2.782  2.125   18.488  1.00 0.00 ? 9  DT  B "C4'"  1 
ATOM   257 O "O4'"  . DT  B 1 1 ? -4.192  1.954   18.377  1.00 0.00 ? 9  DT  B "O4'"  1 
ATOM   258 C "C3'"  . DT  B 1 1 ? -2.327  2.907   17.242  1.00 0.00 ? 9  DT  B "C3'"  1 
ATOM   259 O "O3'"  . DT  B 1 1 ? -1.781  2.081   16.227  1.00 0.00 ? 9  DT  B "O3'"  1 
ATOM   260 C "C2'"  . DT  B 1 1 ? -3.650  3.433   16.701  1.00 0.00 ? 9  DT  B "C2'"  1 
ATOM   261 C "C1'"  . DT  B 1 1 ? -4.560  2.251   17.043  1.00 0.00 ? 9  DT  B "C1'"  1 
ATOM   262 N N1     . DT  B 1 1 ? -6.031  2.464   16.906  1.00 0.00 ? 9  DT  B N1     1 
ATOM   263 C C2     . DT  B 1 1 ? -6.850  1.349   17.148  1.00 0.00 ? 9  DT  B C2     1 
ATOM   264 O O2     . DT  B 1 1 ? -6.436  0.242   17.485  1.00 0.00 ? 9  DT  B O2     1 
ATOM   265 N N3     . DT  B 1 1 ? -8.199  1.522   16.979  1.00 0.00 ? 9  DT  B N3     1 
ATOM   266 C C4     . DT  B 1 1 ? -8.830  2.680   16.600  1.00 0.00 ? 9  DT  B C4     1 
ATOM   267 O O4     . DT  B 1 1 ? -10.057 2.691   16.535  1.00 0.00 ? 9  DT  B O4     1 
ATOM   268 C C5     . DT  B 1 1 ? -7.928  3.795   16.313  1.00 0.00 ? 9  DT  B C5     1 
ATOM   269 C C7     . DT  B 1 1 ? -8.495  5.127   15.849  1.00 0.00 ? 9  DT  B C7     1 
ATOM   270 C C6     . DT  B 1 1 ? -6.583  3.657   16.462  1.00 0.00 ? 9  DT  B C6     1 
ATOM   271 H "H5'"  . DT  B 1 1 ? -1.429  2.902   19.982  1.00 0.00 ? 9  DT  B "H5'"  1 
ATOM   272 H "H5''" . DT  B 1 1 ? -2.872  3.901   19.706  1.00 0.00 ? 9  DT  B "H5''" 1 
ATOM   273 H "H4'"  . DT  B 1 1 ? -2.285  1.155   18.515  1.00 0.00 ? 9  DT  B "H4'"  1 
ATOM   274 H "H3'"  . DT  B 1 1 ? -1.646  3.723   17.492  1.00 0.00 ? 9  DT  B "H3'"  1 
ATOM   275 H "H2'"  . DT  B 1 1 ? -3.944  4.328   17.251  1.00 0.00 ? 9  DT  B "H2'"  1 
ATOM   276 H "H2''" . DT  B 1 1 ? -3.607  3.618   15.627  1.00 0.00 ? 9  DT  B "H2''" 1 
ATOM   277 H "H1'"  . DT  B 1 1 ? -4.280  1.400   16.416  1.00 0.00 ? 9  DT  B "H1'"  1 
ATOM   278 H H3     . DT  B 1 1 ? -8.772  0.700   17.094  1.00 0.00 ? 9  DT  B H3     1 
ATOM   279 H H71    . DT  B 1 1 ? -9.253  5.462   16.558  1.00 0.00 ? 9  DT  B H71    1 
ATOM   280 H H72    . DT  B 1 1 ? -7.715  5.885   15.775  1.00 0.00 ? 9  DT  B H72    1 
ATOM   281 H H73    . DT  B 1 1 ? -8.961  4.993   14.874  1.00 0.00 ? 9  DT  B H73    1 
ATOM   282 H H6     . DT  B 1 1 ? -5.949  4.502   16.229  1.00 0.00 ? 9  DT  B H6     1 
ATOM   283 H "HO5'" . DT  B 1 1 ? -3.933  1.755   20.515  1.00 0.00 ? 9  DT  B "HO5'" 1 
ATOM   284 P P      . DA  B 1 2 ? -0.294  1.521   16.286  1.00 0.00 ? 10 DA  B P      1 
ATOM   285 O OP1    . DA  B 1 2 ? 0.323   1.788   17.593  1.00 0.00 ? 10 DA  B OP1    1 
ATOM   286 O OP2    . DA  B 1 2 ? 0.440   2.049   15.120  1.00 0.00 ? 10 DA  B OP2    1 
ATOM   287 O "O5'"  . DA  B 1 2 ? -0.433  -0.052  16.100  1.00 0.00 ? 10 DA  B "O5'"  1 
ATOM   288 C "C5'"  . DA  B 1 2 ? -0.314  -0.950  17.196  1.00 0.00 ? 10 DA  B "C5'"  1 
ATOM   289 C "C4'"  . DA  B 1 2 ? -0.696  -2.392  16.829  1.00 0.00 ? 10 DA  B "C4'"  1 
ATOM   290 O "O4'"  . DA  B 1 2 ? -2.108  -2.488  16.708  1.00 0.00 ? 10 DA  B "O4'"  1 
ATOM   291 C "C3'"  . DA  B 1 2 ? -0.063  -2.887  15.523  1.00 0.00 ? 10 DA  B "C3'"  1 
ATOM   292 O "O3'"  . DA  B 1 2 ? 0.308   -4.250  15.673  1.00 0.00 ? 10 DA  B "O3'"  1 
ATOM   293 C "C2'"  . DA  B 1 2 ? -1.191  -2.653  14.519  1.00 0.00 ? 10 DA  B "C2'"  1 
ATOM   294 C "C1'"  . DA  B 1 2 ? -2.465  -2.753  15.363  1.00 0.00 ? 10 DA  B "C1'"  1 
ATOM   295 N N9     . DA  B 1 2 ? -3.530  -1.803  14.958  1.00 0.00 ? 10 DA  B N9     1 
ATOM   296 C C8     . DA  B 1 2 ? -3.422  -0.476  14.612  1.00 0.00 ? 10 DA  B C8     1 
ATOM   297 N N7     . DA  B 1 2 ? -4.553  0.104   14.287  1.00 0.00 ? 10 DA  B N7     1 
ATOM   298 C C5     . DA  B 1 2 ? -5.491  -0.933  14.486  1.00 0.00 ? 10 DA  B C5     1 
ATOM   299 C C6     . DA  B 1 2 ? -6.902  -1.058  14.381  1.00 0.00 ? 10 DA  B C6     1 
ATOM   300 N N6     . DA  B 1 2 ? -7.732  -0.092  14.040  1.00 0.00 ? 10 DA  B N6     1 
ATOM   301 N N1     . DA  B 1 2 ? -7.519  -2.221  14.607  1.00 0.00 ? 10 DA  B N1     1 
ATOM   302 C C2     . DA  B 1 2 ? -6.774  -3.253  14.965  1.00 0.00 ? 10 DA  B C2     1 
ATOM   303 N N3     . DA  B 1 2 ? -5.459  -3.303  15.111  1.00 0.00 ? 10 DA  B N3     1 
ATOM   304 C C4     . DA  B 1 2 ? -4.872  -2.094  14.872  1.00 0.00 ? 10 DA  B C4     1 
ATOM   305 H "H5'"  . DA  B 1 2 ? -0.963  -0.624  18.011  1.00 0.00 ? 10 DA  B "H5'"  1 
ATOM   306 H "H5''" . DA  B 1 2 ? 0.716   -0.940  17.553  1.00 0.00 ? 10 DA  B "H5''" 1 
ATOM   307 H "H4'"  . DA  B 1 2 ? -0.372  -3.047  17.639  1.00 0.00 ? 10 DA  B "H4'"  1 
ATOM   308 H "H3'"  . DA  B 1 2 ? 0.814   -2.293  15.259  1.00 0.00 ? 10 DA  B "H3'"  1 
ATOM   309 H "H2'"  . DA  B 1 2 ? -1.073  -1.664  14.082  1.00 0.00 ? 10 DA  B "H2'"  1 
ATOM   310 H "H2''" . DA  B 1 2 ? -1.187  -3.396  13.728  1.00 0.00 ? 10 DA  B "H2''" 1 
ATOM   311 H "H1'"  . DA  B 1 2 ? -2.847  -3.777  15.298  1.00 0.00 ? 10 DA  B "H1'"  1 
ATOM   312 H H8     . DA  B 1 2 ? -2.470  0.041   14.616  1.00 0.00 ? 10 DA  B H8     1 
ATOM   313 H H61    . DA  B 1 2 ? -8.730  -0.281  14.048  1.00 0.00 ? 10 DA  B H61    1 
ATOM   314 H H62    . DA  B 1 2 ? -7.375  0.802   13.761  1.00 0.00 ? 10 DA  B H62    1 
ATOM   315 H H2     . DA  B 1 2 ? -7.304  -4.178  15.151  1.00 0.00 ? 10 DA  B H2     1 
ATOM   316 P P      . DC  B 1 3 ? 1.001   -5.101  14.497  1.00 0.00 ? 11 DC  B P      1 
ATOM   317 O OP1    . DC  B 1 3 ? 1.799   -6.177  15.111  1.00 0.00 ? 11 DC  B OP1    1 
ATOM   318 O OP2    . DC  B 1 3 ? 1.650   -4.158  13.561  1.00 0.00 ? 11 DC  B OP2    1 
ATOM   319 O "O5'"  . DC  B 1 3 ? -0.276  -5.751  13.767  1.00 0.00 ? 11 DC  B "O5'"  1 
ATOM   320 C "C5'"  . DC  B 1 3 ? -1.125  -6.640  14.477  1.00 0.00 ? 11 DC  B "C5'"  1 
ATOM   321 C "C4'"  . DC  B 1 3 ? -2.446  -6.917  13.750  1.00 0.00 ? 11 DC  B "C4'"  1 
ATOM   322 O "O4'"  . DC  B 1 3 ? -3.205  -5.724  13.600  1.00 0.00 ? 11 DC  B "O4'"  1 
ATOM   323 C "C3'"  . DC  B 1 3 ? -2.281  -7.525  12.348  1.00 0.00 ? 11 DC  B "C3'"  1 
ATOM   324 O "O3'"  . DC  B 1 3 ? -3.082  -8.696  12.265  1.00 0.00 ? 11 DC  B "O3'"  1 
ATOM   325 C "C2'"  . DC  B 1 3 ? -2.842  -6.448  11.427  1.00 0.00 ? 11 DC  B "C2'"  1 
ATOM   326 C "C1'"  . DC  B 1 3 ? -3.865  -5.794  12.355  1.00 0.00 ? 11 DC  B "C1'"  1 
ATOM   327 N N1     . DC  B 1 3 ? -4.318  -4.435  11.945  1.00 0.00 ? 11 DC  B N1     1 
ATOM   328 C C2     . DC  B 1 3 ? -5.687  -4.185  11.798  1.00 0.00 ? 11 DC  B C2     1 
ATOM   329 O O2     . DC  B 1 3 ? -6.536  -5.077  11.918  1.00 0.00 ? 11 DC  B O2     1 
ATOM   330 N N3     . DC  B 1 3 ? -6.142  -2.945  11.482  1.00 0.00 ? 11 DC  B N3     1 
ATOM   331 C C4     . DC  B 1 3 ? -5.259  -1.973  11.345  1.00 0.00 ? 11 DC  B C4     1 
ATOM   332 N N4     . DC  B 1 3 ? -5.717  -0.778  11.101  1.00 0.00 ? 11 DC  B N4     1 
ATOM   333 C C5     . DC  B 1 3 ? -3.858  -2.168  11.465  1.00 0.00 ? 11 DC  B C5     1 
ATOM   334 C C6     . DC  B 1 3 ? -3.418  -3.417  11.757  1.00 0.00 ? 11 DC  B C6     1 
ATOM   335 H "H5'"  . DC  B 1 3 ? -1.363  -6.207  15.450  1.00 0.00 ? 11 DC  B "H5'"  1 
ATOM   336 H "H5''" . DC  B 1 3 ? -0.596  -7.579  14.645  1.00 0.00 ? 11 DC  B "H5''" 1 
ATOM   337 H "H4'"  . DC  B 1 3 ? -3.022  -7.617  14.355  1.00 0.00 ? 11 DC  B "H4'"  1 
ATOM   338 H "H3'"  . DC  B 1 3 ? -1.230  -7.726  12.130  1.00 0.00 ? 11 DC  B "H3'"  1 
ATOM   339 H "H2'"  . DC  B 1 3 ? -2.045  -5.756  11.154  1.00 0.00 ? 11 DC  B "H2'"  1 
ATOM   340 H "H2''" . DC  B 1 3 ? -3.308  -6.877  10.538  1.00 0.00 ? 11 DC  B "H2''" 1 
ATOM   341 H "H1'"  . DC  B 1 3 ? -4.718  -6.472  12.449  1.00 0.00 ? 11 DC  B "H1'"  1 
ATOM   342 H H41    . DC  B 1 3 ? -6.716  -0.605  11.062  1.00 0.00 ? 11 DC  B H41    1 
ATOM   343 H H42    . DC  B 1 3 ? -5.067  -0.018  11.081  1.00 0.00 ? 11 DC  B H42    1 
ATOM   344 H H5     . DC  B 1 3 ? -3.146  -1.370  11.326  1.00 0.00 ? 11 DC  B H5     1 
ATOM   345 H H6     . DC  B 1 3 ? -2.358  -3.621  11.863  1.00 0.00 ? 11 DC  B H6     1 
ATOM   346 P P      . DG  B 1 4 ? -2.625  -9.967  11.419  1.00 0.00 ? 12 DG  B P      1 
ATOM   347 O OP1    . DG  B 1 4 ? -3.525  -11.088 11.753  1.00 0.00 ? 12 DG  B OP1    1 
ATOM   348 O OP2    . DG  B 1 4 ? -1.197  -10.225 11.688  1.00 0.00 ? 12 DG  B OP2    1 
ATOM   349 O "O5'"  . DG  B 1 4 ? -2.821  -9.618  9.872   1.00 0.00 ? 12 DG  B "O5'"  1 
ATOM   350 C "C5'"  . DG  B 1 4 ? -4.044  -9.916  9.212   1.00 0.00 ? 12 DG  B "C5'"  1 
ATOM   351 C "C4'"  . DG  B 1 4 ? -4.047  -9.595  7.711   1.00 0.00 ? 12 DG  B "C4'"  1 
ATOM   352 O "O4'"  . DG  B 1 4 ? -4.131  -8.209  7.445   1.00 0.00 ? 12 DG  B "O4'"  1 
ATOM   353 C "C3'"  . DG  B 1 4 ? -2.841  -10.105 6.916   1.00 0.00 ? 12 DG  B "C3'"  1 
ATOM   354 O "O3'"  . DG  B 1 4 ? -3.110  -11.429 6.466   1.00 0.00 ? 12 DG  B "O3'"  1 
ATOM   355 C "C2'"  . DG  B 1 4 ? -2.737  -9.067  5.787   1.00 0.00 ? 12 DG  B "C2'"  1 
ATOM   356 C "C1'"  . DG  B 1 4 ? -3.867  -8.066  6.065   1.00 0.00 ? 12 DG  B "C1'"  1 
ATOM   357 N N9     . DG  B 1 4 ? -3.607  -6.638  5.742   1.00 0.00 ? 12 DG  B N9     1 
ATOM   358 C C8     . DG  B 1 4 ? -2.470  -5.886  5.924   1.00 0.00 ? 12 DG  B C8     1 
ATOM   359 N N7     . DG  B 1 4 ? -2.616  -4.611  5.659   1.00 0.00 ? 12 DG  B N7     1 
ATOM   360 C C5     . DG  B 1 4 ? -3.957  -4.512  5.262   1.00 0.00 ? 12 DG  B C5     1 
ATOM   361 C C6     . DG  B 1 4 ? -4.774  -3.376  4.911   1.00 0.00 ? 12 DG  B C6     1 
ATOM   362 O O6     . DG  B 1 4 ? -4.483  -2.178  4.874   1.00 0.00 ? 12 DG  B O6     1 
ATOM   363 N N1     . DG  B 1 4 ? -6.075  -3.708  4.597   1.00 0.00 ? 12 DG  B N1     1 
ATOM   364 C C2     . DG  B 1 4 ? -6.558  -4.971  4.625   1.00 0.00 ? 12 DG  B C2     1 
ATOM   365 N N2     . DG  B 1 4 ? -7.821  -5.129  4.348   1.00 0.00 ? 12 DG  B N2     1 
ATOM   366 N N3     . DG  B 1 4 ? -5.860  -6.045  4.981   1.00 0.00 ? 12 DG  B N3     1 
ATOM   367 C C4     . DG  B 1 4 ? -4.558  -5.753  5.284   1.00 0.00 ? 12 DG  B C4     1 
ATOM   368 H "H5'"  . DG  B 1 4 ? -4.856  -9.366  9.689   1.00 0.00 ? 12 DG  B "H5'"  1 
ATOM   369 H "H5''" . DG  B 1 4 ? -4.250  -10.982 9.319   1.00 0.00 ? 12 DG  B "H5''" 1 
ATOM   370 H "H4'"  . DG  B 1 4 ? -4.936  -10.065 7.286   1.00 0.00 ? 12 DG  B "H4'"  1 
ATOM   371 H "H3'"  . DG  B 1 4 ? -1.939  -10.079 7.533   1.00 0.00 ? 12 DG  B "H3'"  1 
ATOM   372 H "H2'"  . DG  B 1 4 ? -1.758  -8.592  5.820   1.00 0.00 ? 12 DG  B "H2'"  1 
ATOM   373 H "H2''" . DG  B 1 4 ? -2.898  -9.532  4.819   1.00 0.00 ? 12 DG  B "H2''" 1 
ATOM   374 H "H1'"  . DG  B 1 4 ? -4.749  -8.383  5.499   1.00 0.00 ? 12 DG  B "H1'"  1 
ATOM   375 H H8     . DG  B 1 4 ? -1.545  -6.311  6.288   1.00 0.00 ? 12 DG  B H8     1 
ATOM   376 H H1     . DG  B 1 4 ? -6.712  -2.961  4.364   1.00 0.00 ? 12 DG  B H1     1 
ATOM   377 H H21    . DG  B 1 4 ? -8.409  -4.329  4.118   1.00 0.00 ? 12 DG  B H21    1 
ATOM   378 H H22    . DG  B 1 4 ? -8.188  -6.057  4.394   1.00 0.00 ? 12 DG  B H22    1 
ATOM   379 P P      . DC  B 1 5 ? -2.076  -12.290 5.580   1.00 0.00 ? 13 DC  B P      1 
ATOM   380 O OP1    . DC  B 1 5 ? -2.351  -13.708 5.905   1.00 0.00 ? 13 DC  B OP1    1 
ATOM   381 O OP2    . DC  B 1 5 ? -0.717  -11.748 5.772   1.00 0.00 ? 13 DC  B OP2    1 
ATOM   382 O "O5'"  . DC  B 1 5 ? -2.536  -11.986 4.077   1.00 0.00 ? 13 DC  B "O5'"  1 
ATOM   383 C "C5'"  . DC  B 1 5 ? -3.762  -12.495 3.569   1.00 0.00 ? 13 DC  B "C5'"  1 
ATOM   384 C "C4'"  . DC  B 1 5 ? -4.231  -11.724 2.327   1.00 0.00 ? 13 DC  B "C4'"  1 
ATOM   385 O "O4'"  . DC  B 1 5 ? -4.330  -10.346 2.661   1.00 0.00 ? 13 DC  B "O4'"  1 
ATOM   386 C "C3'"  . DC  B 1 5 ? -3.311  -11.871 1.106   1.00 0.00 ? 13 DC  B "C3'"  1 
ATOM   387 O "O3'"  . DC  B 1 5 ? -3.869  -12.812 0.186   1.00 0.00 ? 13 DC  B "O3'"  1 
ATOM   388 C "C2'"  . DC  B 1 5 ? -3.255  -10.444 0.549   1.00 0.00 ? 13 DC  B "C2'"  1 
ATOM   389 C "C1'"  . DC  B 1 5 ? -4.016  -9.551  1.538   1.00 0.00 ? 13 DC  B "C1'"  1 
ATOM   390 N N1     . DC  B 1 5 ? -3.221  -8.375  1.992   1.00 0.00 ? 13 DC  B N1     1 
ATOM   391 C C2     . DC  B 1 5 ? -3.742  -7.081  1.824   1.00 0.00 ? 13 DC  B C2     1 
ATOM   392 O O2     . DC  B 1 5 ? -4.870  -6.881  1.378   1.00 0.00 ? 13 DC  B O2     1 
ATOM   393 N N3     . DC  B 1 5 ? -2.993  -5.995  2.124   1.00 0.00 ? 13 DC  B N3     1 
ATOM   394 C C4     . DC  B 1 5 ? -1.772  -6.180  2.579   1.00 0.00 ? 13 DC  B C4     1 
ATOM   395 N N4     . DC  B 1 5 ? -1.098  -5.098  2.813   1.00 0.00 ? 13 DC  B N4     1 
ATOM   396 C C5     . DC  B 1 5 ? -1.201  -7.458  2.816   1.00 0.00 ? 13 DC  B C5     1 
ATOM   397 C C6     . DC  B 1 5 ? -1.962  -8.542  2.514   1.00 0.00 ? 13 DC  B C6     1 
ATOM   398 H "H5'"  . DC  B 1 5 ? -4.534  -12.401 4.335   1.00 0.00 ? 13 DC  B "H5'"  1 
ATOM   399 H "H5''" . DC  B 1 5 ? -3.643  -13.552 3.325   1.00 0.00 ? 13 DC  B "H5''" 1 
ATOM   400 H "H4'"  . DC  B 1 5 ? -5.221  -12.084 2.044   1.00 0.00 ? 13 DC  B "H4'"  1 
ATOM   401 H "H3'"  . DC  B 1 5 ? -2.316  -12.187 1.428   1.00 0.00 ? 13 DC  B "H3'"  1 
ATOM   402 H "H2'"  . DC  B 1 5 ? -2.211  -10.150 0.434   1.00 0.00 ? 13 DC  B "H2'"  1 
ATOM   403 H "H2''" . DC  B 1 5 ? -3.741  -10.370 -0.418  1.00 0.00 ? 13 DC  B "H2''" 1 
ATOM   404 H "H1'"  . DC  B 1 5 ? -4.948  -9.218  1.070   1.00 0.00 ? 13 DC  B "H1'"  1 
ATOM   405 H H41    . DC  B 1 5 ? -1.594  -4.234  2.646   1.00 0.00 ? 13 DC  B H41    1 
ATOM   406 H H42    . DC  B 1 5 ? -0.170  -5.158  3.187   1.00 0.00 ? 13 DC  B H42    1 
ATOM   407 H H5     . DC  B 1 5 ? -0.208  -7.588  3.215   1.00 0.00 ? 13 DC  B H5     1 
ATOM   408 H H6     . DC  B 1 5 ? -1.592  -9.551  2.685   1.00 0.00 ? 13 DC  B H6     1 
ATOM   409 P P      . DG  B 1 6 ? -3.143  -13.234 -1.195  1.00 0.00 ? 14 DG  B P      1 
ATOM   410 O OP1    . DG  B 1 6 ? -3.753  -14.496 -1.667  1.00 0.00 ? 14 DG  B OP1    1 
ATOM   411 O OP2    . DG  B 1 6 ? -1.680  -13.162 -1.004  1.00 0.00 ? 14 DG  B OP2    1 
ATOM   412 O "O5'"  . DG  B 1 6 ? -3.587  -12.085 -2.216  1.00 0.00 ? 14 DG  B "O5'"  1 
ATOM   413 C "C5'"  . DG  B 1 6 ? -4.963  -11.790 -2.421  1.00 0.00 ? 14 DG  B "C5'"  1 
ATOM   414 C "C4'"  . DG  B 1 6 ? -5.167  -10.783 -3.557  1.00 0.00 ? 14 DG  B "C4'"  1 
ATOM   415 O "O4'"  . DG  B 1 6 ? -4.435  -9.578  -3.367  1.00 0.00 ? 14 DG  B "O4'"  1 
ATOM   416 C "C3'"  . DG  B 1 6 ? -4.738  -11.376 -4.900  1.00 0.00 ? 14 DG  B "C3'"  1 
ATOM   417 O "O3'"  . DG  B 1 6 ? -5.919  -11.646 -5.638  1.00 0.00 ? 14 DG  B "O3'"  1 
ATOM   418 C "C2'"  . DG  B 1 6 ? -3.841  -10.300 -5.512  1.00 0.00 ? 14 DG  B "C2'"  1 
ATOM   419 C "C1'"  . DG  B 1 6 ? -4.107  -9.070  -4.649  1.00 0.00 ? 14 DG  B "C1'"  1 
ATOM   420 N N9     . DG  B 1 6 ? -2.936  -8.171  -4.551  1.00 0.00 ? 14 DG  B N9     1 
ATOM   421 C C8     . DG  B 1 6 ? -1.660  -8.471  -4.140  1.00 0.00 ? 14 DG  B C8     1 
ATOM   422 N N7     . DG  B 1 6 ? -0.861  -7.439  -4.076  1.00 0.00 ? 14 DG  B N7     1 
ATOM   423 C C5     . DG  B 1 6 ? -1.673  -6.366  -4.468  1.00 0.00 ? 14 DG  B C5     1 
ATOM   424 C C6     . DG  B 1 6 ? -1.420  -4.950  -4.557  1.00 0.00 ? 14 DG  B C6     1 
ATOM   425 O O6     . DG  B 1 6 ? -0.401  -4.318  -4.296  1.00 0.00 ? 14 DG  B O6     1 
ATOM   426 N N1     . DG  B 1 6 ? -2.508  -4.222  -4.986  1.00 0.00 ? 14 DG  B N1     1 
ATOM   427 C C2     . DG  B 1 6 ? -3.707  -4.768  -5.293  1.00 0.00 ? 14 DG  B C2     1 
ATOM   428 N N2     . DG  B 1 6 ? -4.654  -3.957  -5.678  1.00 0.00 ? 14 DG  B N2     1 
ATOM   429 N N3     . DG  B 1 6 ? -3.990  -6.065  -5.242  1.00 0.00 ? 14 DG  B N3     1 
ATOM   430 C C4     . DG  B 1 6 ? -2.934  -6.816  -4.801  1.00 0.00 ? 14 DG  B C4     1 
ATOM   431 H "H5'"  . DG  B 1 6 ? -5.398  -11.388 -1.507  1.00 0.00 ? 14 DG  B "H5'"  1 
ATOM   432 H "H5''" . DG  B 1 6 ? -5.497  -12.708 -2.672  1.00 0.00 ? 14 DG  B "H5''" 1 
ATOM   433 H "H4'"  . DG  B 1 6 ? -6.230  -10.540 -3.614  1.00 0.00 ? 14 DG  B "H4'"  1 
ATOM   434 H "H3'"  . DG  B 1 6 ? -4.161  -12.289 -4.747  1.00 0.00 ? 14 DG  B "H3'"  1 
ATOM   435 H "H2'"  . DG  B 1 6 ? -2.802  -10.621 -5.428  1.00 0.00 ? 14 DG  B "H2'"  1 
ATOM   436 H "H2''" . DG  B 1 6 ? -4.084  -10.097 -6.550  1.00 0.00 ? 14 DG  B "H2''" 1 
ATOM   437 H "H1'"  . DG  B 1 6 ? -4.957  -8.521  -5.062  1.00 0.00 ? 14 DG  B "H1'"  1 
ATOM   438 H H8     . DG  B 1 6 ? -1.359  -9.476  -3.868  1.00 0.00 ? 14 DG  B H8     1 
ATOM   439 H H1     . DG  B 1 6 ? -2.403  -3.219  -5.016  1.00 0.00 ? 14 DG  B H1     1 
ATOM   440 H H21    . DG  B 1 6 ? -4.515  -2.949  -5.643  1.00 0.00 ? 14 DG  B H21    1 
ATOM   441 H H22    . DG  B 1 6 ? -5.550  -4.371  -5.846  1.00 0.00 ? 14 DG  B H22    1 
ATOM   442 P P      . DT  B 1 7 ? -5.909  -12.335 -7.072  1.00 0.00 ? 15 DT  B P      1 
ATOM   443 O OP1    . DT  B 1 7 ? -7.192  -13.046 -7.227  1.00 0.00 ? 15 DT  B OP1    1 
ATOM   444 O OP2    . DT  B 1 7 ? -4.697  -13.173 -7.159  1.00 0.00 ? 15 DT  B OP2    1 
ATOM   445 O "O5'"  . DT  B 1 7 ? -5.829  -11.086 -8.077  1.00 0.00 ? 15 DT  B "O5'"  1 
ATOM   446 C "C5'"  . DT  B 1 7 ? -6.872  -10.116 -8.084  1.00 0.00 ? 15 DT  B "C5'"  1 
ATOM   447 C "C4'"  . DT  B 1 7 ? -6.497  -8.777  -8.738  1.00 0.00 ? 15 DT  B "C4'"  1 
ATOM   448 O "O4'"  . DT  B 1 7 ? -5.374  -8.172  -8.102  1.00 0.00 ? 15 DT  B "O4'"  1 
ATOM   449 C "C3'"  . DT  B 1 7 ? -6.171  -8.858  -10.239 1.00 0.00 ? 15 DT  B "C3'"  1 
ATOM   450 O "O3'"  . DT  B 1 7 ? -7.098  -8.038  -10.941 1.00 0.00 ? 15 DT  B "O3'"  1 
ATOM   451 C "C2'"  . DT  B 1 7 ? -4.749  -8.301  -10.322 1.00 0.00 ? 15 DT  B "C2'"  1 
ATOM   452 C "C1'"  . DT  B 1 7 ? -4.694  -7.410  -9.083  1.00 0.00 ? 15 DT  B "C1'"  1 
ATOM   453 N N1     . DT  B 1 7 ? -3.307  -7.088  -8.650  1.00 0.00 ? 15 DT  B N1     1 
ATOM   454 C C2     . DT  B 1 7 ? -2.860  -5.757  -8.722  1.00 0.00 ? 15 DT  B C2     1 
ATOM   455 O O2     . DT  B 1 7 ? -3.495  -4.844  -9.269  1.00 0.00 ? 15 DT  B O2     1 
ATOM   456 N N3     . DT  B 1 7 ? -1.614  -5.499  -8.195  1.00 0.00 ? 15 DT  B N3     1 
ATOM   457 C C4     . DT  B 1 7 ? -0.733  -6.443  -7.709  1.00 0.00 ? 15 DT  B C4     1 
ATOM   458 O O4     . DT  B 1 7 ? 0.341   -6.067  -7.252  1.00 0.00 ? 15 DT  B O4     1 
ATOM   459 C C5     . DT  B 1 7 ? -1.208  -7.824  -7.787  1.00 0.00 ? 15 DT  B C5     1 
ATOM   460 C C7     . DT  B 1 7 ? -0.305  -8.971  -7.363  1.00 0.00 ? 15 DT  B C7     1 
ATOM   461 C C6     . DT  B 1 7 ? -2.465  -8.096  -8.230  1.00 0.00 ? 15 DT  B C6     1 
ATOM   462 H "H5'"  . DT  B 1 7 ? -7.168  -9.900  -7.056  1.00 0.00 ? 15 DT  B "H5'"  1 
ATOM   463 H "H5''" . DT  B 1 7 ? -7.741  -10.532 -8.596  1.00 0.00 ? 15 DT  B "H5''" 1 
ATOM   464 H "H4'"  . DT  B 1 7 ? -7.353  -8.109  -8.621  1.00 0.00 ? 15 DT  B "H4'"  1 
ATOM   465 H "H3'"  . DT  B 1 7 ? -6.210  -9.892  -10.591 1.00 0.00 ? 15 DT  B "H3'"  1 
ATOM   466 H "H2'"  . DT  B 1 7 ? -4.040  -9.125  -10.244 1.00 0.00 ? 15 DT  B "H2'"  1 
ATOM   467 H "H2''" . DT  B 1 7 ? -4.572  -7.732  -11.233 1.00 0.00 ? 15 DT  B "H2''" 1 
ATOM   468 H "H1'"  . DT  B 1 7 ? -5.262  -6.497  -9.277  1.00 0.00 ? 15 DT  B "H1'"  1 
ATOM   469 H H3     . DT  B 1 7 ? -1.315  -4.535  -8.127  1.00 0.00 ? 15 DT  B H3     1 
ATOM   470 H H71    . DT  B 1 7 ? 0.042   -8.809  -6.343  1.00 0.00 ? 15 DT  B H71    1 
ATOM   471 H H72    . DT  B 1 7 ? -0.824  -9.929  -7.418  1.00 0.00 ? 15 DT  B H72    1 
ATOM   472 H H73    . DT  B 1 7 ? 0.571   -8.995  -8.012  1.00 0.00 ? 15 DT  B H73    1 
ATOM   473 H H6     . DT  B 1 7 ? -2.823  -9.118  -8.247  1.00 0.00 ? 15 DT  B H6     1 
ATOM   474 P P      . DA  B 1 8 ? -7.174  -7.979  -12.533 1.00 0.00 ? 16 DA  B P      1 
ATOM   475 O OP1    . DA  B 1 8 ? -8.575  -7.746  -12.937 1.00 0.00 ? 16 DA  B OP1    1 
ATOM   476 O OP2    . DA  B 1 8 ? -6.495  -9.165  -13.094 1.00 0.00 ? 16 DA  B OP2    1 
ATOM   477 O "O5'"  . DA  B 1 8 ? -6.329  -6.689  -12.936 1.00 0.00 ? 16 DA  B "O5'"  1 
ATOM   478 C "C5'"  . DA  B 1 8 ? -6.846  -5.382  -12.726 1.00 0.00 ? 16 DA  B "C5'"  1 
ATOM   479 C "C4'"  . DA  B 1 8 ? -5.992  -4.319  -13.431 1.00 0.00 ? 16 DA  B "C4'"  1 
ATOM   480 O "O4'"  . DA  B 1 8 ? -4.678  -4.306  -12.867 1.00 0.00 ? 16 DA  B "O4'"  1 
ATOM   481 C "C3'"  . DA  B 1 8 ? -5.855  -4.610  -14.936 1.00 0.00 ? 16 DA  B "C3'"  1 
ATOM   482 O "O3'"  . DA  B 1 8 ? -5.907  -3.411  -15.693 1.00 0.00 ? 16 DA  B "O3'"  1 
ATOM   483 C "C2'"  . DA  B 1 8 ? -4.463  -5.216  -15.023 1.00 0.00 ? 16 DA  B "C2'"  1 
ATOM   484 C "C1'"  . DA  B 1 8 ? -3.732  -4.452  -13.916 1.00 0.00 ? 16 DA  B "C1'"  1 
ATOM   485 N N9     . DA  B 1 8 ? -2.496  -5.126  -13.435 1.00 0.00 ? 16 DA  B N9     1 
ATOM   486 C C8     . DA  B 1 8 ? -1.910  -6.289  -13.888 1.00 0.00 ? 16 DA  B C8     1 
ATOM   487 N N7     . DA  B 1 8 ? -0.754  -6.563  -13.344 1.00 0.00 ? 16 DA  B N7     1 
ATOM   488 C C5     . DA  B 1 8 ? -0.562  -5.493  -12.456 1.00 0.00 ? 16 DA  B C5     1 
ATOM   489 C C6     . DA  B 1 8 ? 0.452   -5.122  -11.540 1.00 0.00 ? 16 DA  B C6     1 
ATOM   490 N N6     . DA  B 1 8 ? 1.534   -5.824  -11.272 1.00 0.00 ? 16 DA  B N6     1 
ATOM   491 N N1     . DA  B 1 8 ? 0.376   -3.980  -10.860 1.00 0.00 ? 16 DA  B N1     1 
ATOM   492 C C2     . DA  B 1 8 ? -0.701  -3.230  -11.009 1.00 0.00 ? 16 DA  B C2     1 
ATOM   493 N N3     . DA  B 1 8 ? -1.773  -3.471  -11.766 1.00 0.00 ? 16 DA  B N3     1 
ATOM   494 C C4     . DA  B 1 8 ? -1.618  -4.620  -12.498 1.00 0.00 ? 16 DA  B C4     1 
ATOM   495 H "H5'"  . DA  B 1 8 ? -6.891  -5.172  -11.657 1.00 0.00 ? 16 DA  B "H5'"  1 
ATOM   496 H "H5''" . DA  B 1 8 ? -7.859  -5.322  -13.127 1.00 0.00 ? 16 DA  B "H5''" 1 
ATOM   497 H "H4'"  . DA  B 1 8 ? -6.466  -3.345  -13.299 1.00 0.00 ? 16 DA  B "H4'"  1 
ATOM   498 H "H3'"  . DA  B 1 8 ? -6.616  -5.317  -15.275 1.00 0.00 ? 16 DA  B "H3'"  1 
ATOM   499 H "HO3'" . DA  B 1 8 ? -5.839  -3.616  -16.635 1.00 0.00 ? 16 DA  B "HO3'" 1 
ATOM   500 H "H2'"  . DA  B 1 8 ? -4.524  -6.280  -14.791 1.00 0.00 ? 16 DA  B "H2'"  1 
ATOM   501 H "H2''" . DA  B 1 8 ? -4.004  -5.056  -16.000 1.00 0.00 ? 16 DA  B "H2''" 1 
ATOM   502 H "H1'"  . DA  B 1 8 ? -3.476  -3.460  -14.306 1.00 0.00 ? 16 DA  B "H1'"  1 
ATOM   503 H H8     . DA  B 1 8 ? -2.363  -6.924  -14.641 1.00 0.00 ? 16 DA  B H8     1 
ATOM   504 H H61    . DA  B 1 8 ? 2.140   -5.494  -10.523 1.00 0.00 ? 16 DA  B H61    1 
ATOM   505 H H62    . DA  B 1 8 ? 1.675   -6.711  -11.721 1.00 0.00 ? 16 DA  B H62    1 
ATOM   506 H H2     . DA  B 1 8 ? -0.720  -2.316  -10.430 1.00 0.00 ? 16 DA  B H2     1 
HETATM 507 C C1     . XR2 C 2 . ? -3.400  -1.030  -1.500  1.00 0.00 ? 17 XR2 A C1     1 
HETATM 508 C C2     . XR2 C 2 . ? -4.556  -0.386  -1.949  1.00 0.00 ? 17 XR2 A C2     1 
HETATM 509 C C3     . XR2 C 2 . ? -5.640  -1.110  -2.435  1.00 0.00 ? 17 XR2 A C3     1 
HETATM 510 C C4     . XR2 C 2 . ? -5.604  -2.495  -2.437  1.00 0.00 ? 17 XR2 A C4     1 
HETATM 511 C C12    . XR2 C 2 . ? -4.478  -3.172  -1.984  1.00 0.00 ? 17 XR2 A C12    1 
HETATM 512 C C11    . XR2 C 2 . ? -3.349  -2.444  -1.531  1.00 0.00 ? 17 XR2 A C11    1 
HETATM 513 N N5     . XR2 C 2 . ? -4.525  -4.527  -1.984  1.00 0.00 ? 17 XR2 A N5     1 
HETATM 514 N N10    . XR2 C 2 . ? -2.242  -3.117  -1.118  1.00 0.00 ? 17 XR2 A N10    1 
HETATM 515 C C13    . XR2 C 2 . ? -3.420  -5.178  -1.552  1.00 0.00 ? 17 XR2 A C13    1 
HETATM 516 C C14    . XR2 C 2 . ? -2.262  -4.477  -1.141  1.00 0.00 ? 17 XR2 A C14    1 
HETATM 517 C C6     . XR2 C 2 . ? -3.426  -6.567  -1.543  1.00 0.00 ? 17 XR2 A C6     1 
HETATM 518 C C7     . XR2 C 2 . ? -2.289  -7.278  -1.164  1.00 0.00 ? 17 XR2 A C7     1 
HETATM 519 C C8     . XR2 C 2 . ? -1.138  -6.594  -0.787  1.00 0.00 ? 17 XR2 A C8     1 
HETATM 520 C C9     . XR2 C 2 . ? -1.121  -5.197  -0.767  1.00 0.00 ? 17 XR2 A C9     1 
HETATM 521 C C9A    . XR2 C 2 . ? 0.166   -4.477  -0.381  1.00 0.00 ? 17 XR2 A C9A    1 
HETATM 522 C C      . XR2 C 2 . ? -2.293  -0.138  -0.990  1.00 0.00 ? 17 XR2 A C      1 
HETATM 523 O O      . XR2 C 2 . ? -2.374  1.076   -0.975  1.00 0.00 ? 17 XR2 A O      1 
HETATM 524 N N      . XR2 C 2 . ? -1.179  -0.708  -0.514  1.00 0.00 ? 17 XR2 A N      1 
HETATM 525 C CA     . XR2 C 2 . ? 0.000   0.000   0.000   1.00 0.00 ? 17 XR2 A CA     1 
HETATM 526 C CB     . XR2 C 2 . ? -0.199  0.414   1.472   1.00 0.00 ? 17 XR2 A CB     1 
HETATM 527 N NG     . XR2 C 2 . ? -0.502  -0.734  2.421   1.00 0.00 ? 17 XR2 A NG     1 
HETATM 528 C CD     . XR2 C 2 . ? -0.843  -0.224  3.809   1.00 0.00 ? 17 XR2 A CD     1 
HETATM 529 N "N'"   . XR2 C 2 . ? -4.321  -0.652  7.822   1.00 0.00 ? 17 XR2 A "N'"   1 
HETATM 530 C "C'"   . XR2 C 2 . ? -3.985  -1.911  8.118   1.00 0.00 ? 17 XR2 A "C'"   1 
HETATM 531 O "O'"   . XR2 C 2 . ? -2.800  -2.155  8.243   1.00 0.00 ? 17 XR2 A "O'"   1 
HETATM 532 C "C1'"  . XR2 C 2 . ? -5.058  -2.964  8.198   1.00 0.00 ? 17 XR2 A "C1'"  1 
HETATM 533 C "C2'"  . XR2 C 2 . ? -4.626  -4.269  8.458   1.00 0.00 ? 17 XR2 A "C2'"  1 
HETATM 534 C "C3'"  . XR2 C 2 . ? -5.519  -5.333  8.452   1.00 0.00 ? 17 XR2 A "C3'"  1 
HETATM 535 C "C4'"  . XR2 C 2 . ? -6.849  -5.115  8.130   1.00 0.00 ? 17 XR2 A "C4'"  1 
HETATM 536 C CCX    . XR2 C 2 . ? -7.318  -3.828  7.890   1.00 0.00 ? 17 XR2 A CCX    1 
HETATM 537 N "N5'"  . XR2 C 2 . ? -8.633  -3.686  7.596   1.00 0.00 ? 17 XR2 A "N5'"  1 
HETATM 538 C CDX    . XR2 C 2 . ? -9.093  -2.423  7.440   1.00 0.00 ? 17 XR2 A CDX    1 
HETATM 539 C CEX    . XR2 C 2 . ? -8.249  -1.301  7.608   1.00 0.00 ? 17 XR2 A CEX    1 
HETATM 540 N NAX    . XR2 C 2 . ? -6.919  -1.460  7.847   1.00 0.00 ? 17 XR2 A NAX    1 
HETATM 541 C CBX    . XR2 C 2 . ? -6.432  -2.724  7.976   1.00 0.00 ? 17 XR2 A CBX    1 
HETATM 542 C "C9'"  . XR2 C 2 . ? -8.800  -0.012  7.549   1.00 0.00 ? 17 XR2 A "C9'"  1 
HETATM 543 C "C8'"  . XR2 C 2 . ? -10.164 0.152   7.287   1.00 0.00 ? 17 XR2 A "C8'"  1 
HETATM 544 C "C7'"  . XR2 C 2 . ? -10.981 -0.954  7.079   1.00 0.00 ? 17 XR2 A "C7'"  1 
HETATM 545 C "C6'"  . XR2 C 2 . ? -10.442 -2.235  7.155   1.00 0.00 ? 17 XR2 A "C6'"  1 
HETATM 546 C C9X    . XR2 C 2 . ? -7.948  1.222   7.827   1.00 0.00 ? 17 XR2 A C9X    1 
HETATM 547 C "CA'"  . XR2 C 2 . ? -3.381  0.456   7.603   1.00 0.00 ? 17 XR2 A "CA'"  1 
HETATM 548 C "CB'"  . XR2 C 2 . ? -2.705  0.329   6.222   1.00 0.00 ? 17 XR2 A "CB'"  1 
HETATM 549 N "NG'"  . XR2 C 2 . ? -1.670  -0.774  6.178   1.00 0.00 ? 17 XR2 A "NG'"  1 
HETATM 550 C "CD'"  . XR2 C 2 . ? -1.400  -1.295  4.780   1.00 0.00 ? 17 XR2 A "CD'"  1 
HETATM 551 H H2     . XR2 C 2 . ? -4.627  0.701   -1.909  1.00 0.00 ? 17 XR2 A H2     1 
HETATM 552 H H3     . XR2 C 2 . ? -6.531  -0.591  -2.781  1.00 0.00 ? 17 XR2 A H3     1 
HETATM 553 H H4     . XR2 C 2 . ? -6.458  -3.070  -2.781  1.00 0.00 ? 17 XR2 A H4     1 
HETATM 554 H H6     . XR2 C 2 . ? -4.321  -7.095  -1.862  1.00 0.00 ? 17 XR2 A H6     1 
HETATM 555 H H7     . XR2 C 2 . ? -2.291  -8.366  -1.203  1.00 0.00 ? 17 XR2 A H7     1 
HETATM 556 H H8     . XR2 C 2 . ? -0.243  -7.156  -0.524  1.00 0.00 ? 17 XR2 A H8     1 
HETATM 557 H H91    . XR2 C 2 . ? 0.584   -3.966  -1.252  1.00 0.00 ? 17 XR2 A H91    1 
HETATM 558 H H92    . XR2 C 2 . ? 0.916   -5.175  -0.002  1.00 0.00 ? 17 XR2 A H92    1 
HETATM 559 H H93    . XR2 C 2 . ? -0.026  -3.735  0.397   1.00 0.00 ? 17 XR2 A H93    1 
HETATM 560 H HN     . XR2 C 2 . ? -1.160  -1.716  -0.631  1.00 0.00 ? 17 XR2 A HN     1 
HETATM 561 H HA1    . XR2 C 2 . ? 0.177   0.893   -0.606  1.00 0.00 ? 17 XR2 A HA1    1 
HETATM 562 H HA2    . XR2 C 2 . ? 0.881   -0.644  -0.093  1.00 0.00 ? 17 XR2 A HA2    1 
HETATM 563 H HB1    . XR2 C 2 . ? -1.046  1.108   1.517   1.00 0.00 ? 17 XR2 A HB1    1 
HETATM 564 H HB2    . XR2 C 2 . ? 0.693   0.937   1.834   1.00 0.00 ? 17 XR2 A HB2    1 
HETATM 565 H HG1    . XR2 C 2 . ? 0.280   -1.415  2.447   1.00 0.00 ? 17 XR2 A HG1    1 
HETATM 566 H HG2    . XR2 C 2 . ? -1.325  -1.282  2.053   1.00 0.00 ? 17 XR2 A HG2    1 
HETATM 567 H HD1    . XR2 C 2 . ? 0.057   0.237   4.235   1.00 0.00 ? 17 XR2 A HD1    1 
HETATM 568 H HD2    . XR2 C 2 . ? -1.597  0.560   3.682   1.00 0.00 ? 17 XR2 A HD2    1 
HETATM 569 H "HN'"  . XR2 C 2 . ? -5.320  -0.511  7.721   1.00 0.00 ? 17 XR2 A "HN'"  1 
HETATM 570 H "H2'"  . XR2 C 2 . ? -3.568  -4.469  8.640   1.00 0.00 ? 17 XR2 A "H2'"  1 
HETATM 571 H "H3'"  . XR2 C 2 . ? -5.163  -6.342  8.649   1.00 0.00 ? 17 XR2 A "H3'"  1 
HETATM 572 H "H4'"  . XR2 C 2 . ? -7.543  -5.949  8.060   1.00 0.00 ? 17 XR2 A "H4'"  1 
HETATM 573 H "H8'"  . XR2 C 2 . ? -10.603 1.148   7.270   1.00 0.00 ? 17 XR2 A "H8'"  1 
HETATM 574 H "H7'"  . XR2 C 2 . ? -12.048 -0.822  6.898   1.00 0.00 ? 17 XR2 A "H7'"  1 
HETATM 575 H "H6'"  . XR2 C 2 . ? -11.079 -3.104  7.022   1.00 0.00 ? 17 XR2 A "H6'"  1 
HETATM 576 H "H91'" . XR2 C 2 . ? -7.288  1.432   6.986   1.00 0.00 ? 17 XR2 A "H91'" 1 
HETATM 577 H "H92'" . XR2 C 2 . ? -8.572  2.101   8.003   1.00 0.00 ? 17 XR2 A "H92'" 1 
HETATM 578 H "H93'" . XR2 C 2 . ? -7.336  1.071   8.719   1.00 0.00 ? 17 XR2 A "H93'" 1 
HETATM 579 H "HA1'" . XR2 C 2 . ? -2.621  0.464   8.394   1.00 0.00 ? 17 XR2 A "HA1'" 1 
HETATM 580 H "HA2'" . XR2 C 2 . ? -3.935  1.398   7.650   1.00 0.00 ? 17 XR2 A "HA2'" 1 
HETATM 581 H "HB1'" . XR2 C 2 . ? -3.468  0.097   5.473   1.00 0.00 ? 17 XR2 A "HB1'" 1 
HETATM 582 H "HB2'" . XR2 C 2 . ? -2.205  1.264   5.954   1.00 0.00 ? 17 XR2 A "HB2'" 1 
HETATM 583 H "HG1'" . XR2 C 2 . ? -0.769  -0.445  6.615   1.00 0.00 ? 17 XR2 A "HG1'" 1 
HETATM 584 H "HG2'" . XR2 C 2 . ? -1.992  -1.555  6.826   1.00 0.00 ? 17 XR2 A "HG2'" 1 
HETATM 585 H "HD1'" . XR2 C 2 . ? -0.687  -2.123  4.877   1.00 0.00 ? 17 XR2 A "HD1'" 1 
HETATM 586 H "HD2'" . XR2 C 2 . ? -2.336  -1.710  4.392   1.00 0.00 ? 17 XR2 A "HD2'" 1 
# 
